data_4ZTM
#
_entry.id   4ZTM
#
_cell.length_a   141.930
_cell.length_b   139.250
_cell.length_c   87.770
_cell.angle_alpha   90.000
_cell.angle_beta   124.260
_cell.angle_gamma   90.000
#
_symmetry.space_group_name_H-M   'C 1 2 1'
#
loop_
_entity.id
_entity.type
_entity.pdbx_description
1 polymer 'Interleukin-1 receptor-associated kinase 4'
2 non-polymer 5-(1,3-benzothiazol-2-yl)-2-(cyclopropylamino)-6-{[(1R,2S,3R,4R)-2,3-dihydroxy-4-(hydroxymethyl)cyclopentyl]amino}pyrimidin-4(3H)-one
3 water water
#
_entity_poly.entity_id   1
_entity_poly.type   'polypeptide(L)'
_entity_poly.pdbx_seq_one_letter_code
;VSDTRFHSFSFYELKNVTNNFDERPISVGGNKMGEGGFGVVYKGYVNNTTVAVKKLAAMVDITTEELKQQFDQEIKVMAK
CQHENLVELLGFSSDGDDLCLVYVYMPNGSLLDRLSCLDGTPPLSWHMRCKIAQGAANGINFLHENHHIHRDIKSANILL
DEAFTAKISDFGLARASEKFAQ(TPO)VM(TPO)(SEP)RIVGTTAYMAPEALRGEITPKSDIYSFGVVLLEIITGLPAV
DEHREPQLLLDIKEEIEDEEKTIEDYIDKKMNDADSTSVEAMYSVASQCLHEKKNKRPDIKKVQQLLQEMTAS
;
_entity_poly.pdbx_strand_id   A,B,C,D
#
loop_
_chem_comp.id
_chem_comp.type
_chem_comp.name
_chem_comp.formula
4S2 non-polymer 5-(1,3-benzothiazol-2-yl)-2-(cyclopropylamino)-6-{[(1R,2S,3R,4R)-2,3-dihydroxy-4-(hydroxymethyl)cyclopentyl]amino}pyrimidin-4(3H)-one 'C20 H23 N5 O4 S'
#
# COMPACT_ATOMS: atom_id res chain seq x y z
N ASP A 3 12.11 29.88 37.22
CA ASP A 3 10.89 30.67 37.38
C ASP A 3 9.61 29.94 36.87
N THR A 4 9.48 28.63 37.18
CA THR A 4 8.29 27.81 36.85
C THR A 4 8.02 26.73 37.88
N ARG A 5 6.81 26.74 38.43
CA ARG A 5 6.37 25.81 39.46
C ARG A 5 5.61 24.63 38.82
N PHE A 6 5.88 23.39 39.26
CA PHE A 6 5.26 22.21 38.69
C PHE A 6 4.27 21.50 39.59
N HIS A 7 3.27 20.83 38.97
CA HIS A 7 2.24 20.01 39.60
C HIS A 7 2.95 18.83 40.29
N SER A 8 2.50 18.49 41.49
CA SER A 8 3.06 17.35 42.22
C SER A 8 2.09 16.18 42.01
N PHE A 9 2.52 15.15 41.29
CA PHE A 9 1.66 14.00 40.99
C PHE A 9 1.87 12.93 42.01
N SER A 10 0.80 12.17 42.33
CA SER A 10 0.88 11.02 43.23
C SER A 10 1.50 9.85 42.47
N PHE A 11 2.43 9.09 43.10
CA PHE A 11 3.05 7.90 42.51
C PHE A 11 1.97 6.89 42.08
N TYR A 12 0.94 6.72 42.92
CA TYR A 12 -0.13 5.78 42.68
C TYR A 12 -1.10 6.20 41.58
N GLU A 13 -1.16 7.51 41.28
CA GLU A 13 -1.97 8.03 40.16
C GLU A 13 -1.21 7.64 38.87
N LEU A 14 0.14 7.81 38.87
CA LEU A 14 0.99 7.46 37.75
C LEU A 14 1.04 5.97 37.50
N LYS A 15 1.21 5.17 38.59
CA LYS A 15 1.23 3.69 38.57
C LYS A 15 -0.10 3.17 38.02
N ASN A 16 -1.21 3.78 38.45
CA ASN A 16 -2.54 3.43 38.00
C ASN A 16 -2.74 3.63 36.47
N VAL A 17 -2.43 4.84 35.94
CA VAL A 17 -2.60 5.27 34.53
C VAL A 17 -1.65 4.62 33.51
N THR A 18 -0.53 4.06 34.00
CA THR A 18 0.48 3.40 33.17
C THR A 18 0.34 1.88 33.27
N ASN A 19 -0.84 1.40 33.77
CA ASN A 19 -1.17 -0.01 34.00
C ASN A 19 -0.04 -0.71 34.78
N ASN A 20 0.24 -0.18 36.00
CA ASN A 20 1.28 -0.67 36.93
C ASN A 20 2.68 -0.74 36.30
N PHE A 21 3.06 0.30 35.53
CA PHE A 21 4.34 0.41 34.83
C PHE A 21 4.69 -0.87 34.06
N ASP A 22 3.91 -1.13 33.00
CA ASP A 22 4.06 -2.29 32.14
C ASP A 22 5.32 -2.20 31.27
N GLU A 23 6.20 -3.22 31.35
CA GLU A 23 7.44 -3.28 30.57
C GLU A 23 7.22 -3.69 29.09
N ARG A 24 5.98 -4.09 28.75
CA ARG A 24 5.59 -4.53 27.40
C ARG A 24 5.41 -3.34 26.44
N PRO A 25 5.62 -3.53 25.11
CA PRO A 25 5.43 -2.45 24.13
C PRO A 25 3.94 -2.11 23.95
N ILE A 26 3.66 -1.01 23.22
CA ILE A 26 2.31 -0.52 22.94
C ILE A 26 1.53 -1.45 21.96
N SER A 27 2.26 -2.22 21.11
CA SER A 27 1.65 -3.15 20.13
C SER A 27 0.90 -4.32 20.77
N VAL A 28 1.53 -4.98 21.78
CA VAL A 28 0.99 -6.14 22.51
C VAL A 28 -0.14 -5.76 23.49
N GLY A 29 0.11 -4.76 24.36
CA GLY A 29 -0.85 -4.27 25.37
C GLY A 29 -0.18 -3.63 26.59
N GLY A 30 1.13 -3.32 26.50
CA GLY A 30 1.87 -2.68 27.58
C GLY A 30 1.90 -1.15 27.47
N ASN A 31 2.74 -0.51 28.31
CA ASN A 31 2.83 0.95 28.30
C ASN A 31 4.23 1.52 28.04
N LYS A 32 5.28 0.67 28.10
CA LYS A 32 6.67 1.06 27.86
C LYS A 32 6.92 1.63 26.47
N MET A 33 7.39 2.88 26.42
CA MET A 33 7.72 3.66 25.23
C MET A 33 9.22 3.53 24.89
N GLY A 34 10.07 3.27 25.91
CA GLY A 34 11.51 3.10 25.71
C GLY A 34 12.31 3.23 27.00
N GLU A 35 13.64 3.25 26.89
CA GLU A 35 14.57 3.41 28.01
C GLU A 35 15.92 3.95 27.50
N GLY A 36 16.82 4.31 28.43
CA GLY A 36 18.15 4.82 28.10
C GLY A 36 18.46 6.10 28.86
N GLY A 37 17.44 6.97 29.04
CA GLY A 37 17.59 8.26 29.75
C GLY A 37 17.67 8.08 31.27
N PHE A 38 18.43 7.05 31.72
CA PHE A 38 18.65 6.67 33.12
C PHE A 38 17.35 6.22 33.82
N GLY A 39 16.31 5.94 33.00
CA GLY A 39 14.99 5.49 33.43
C GLY A 39 14.19 4.87 32.29
N VAL A 40 12.93 4.48 32.55
CA VAL A 40 12.05 3.85 31.57
C VAL A 40 10.86 4.78 31.34
N VAL A 41 10.52 5.05 30.07
CA VAL A 41 9.42 5.94 29.69
C VAL A 41 8.17 5.12 29.41
N TYR A 42 7.06 5.48 30.06
CA TYR A 42 5.77 4.79 29.92
C TYR A 42 4.70 5.74 29.39
N LYS A 43 3.65 5.19 28.77
CA LYS A 43 2.51 6.00 28.30
C LYS A 43 1.49 6.04 29.42
N GLY A 44 0.74 7.15 29.55
CA GLY A 44 -0.31 7.30 30.55
C GLY A 44 -1.33 8.34 30.16
N TYR A 45 -2.46 8.40 30.89
CA TYR A 45 -3.51 9.39 30.69
C TYR A 45 -3.85 10.04 32.03
N VAL A 46 -3.43 11.29 32.22
CA VAL A 46 -3.68 11.99 33.48
C VAL A 46 -4.28 13.38 33.24
N ASN A 47 -5.23 13.77 34.13
CA ASN A 47 -5.95 15.04 34.14
C ASN A 47 -6.38 15.53 32.74
N ASN A 48 -7.10 14.64 32.02
CA ASN A 48 -7.64 14.86 30.68
C ASN A 48 -6.60 15.14 29.57
N THR A 49 -5.39 14.52 29.69
CA THR A 49 -4.28 14.63 28.72
C THR A 49 -3.39 13.36 28.69
N THR A 50 -2.98 12.92 27.47
CA THR A 50 -2.08 11.78 27.25
C THR A 50 -0.65 12.21 27.60
N VAL A 51 0.05 11.39 28.39
CA VAL A 51 1.37 11.73 28.90
C VAL A 51 2.45 10.67 28.70
N ALA A 52 3.69 11.09 28.93
CA ALA A 52 4.90 10.29 28.96
C ALA A 52 5.34 10.34 30.42
N VAL A 53 5.57 9.17 31.03
CA VAL A 53 5.97 9.10 32.42
C VAL A 53 7.30 8.42 32.51
N LYS A 54 8.31 9.19 32.93
CA LYS A 54 9.67 8.67 33.08
C LYS A 54 9.89 8.25 34.52
N LYS A 55 10.01 6.94 34.75
CA LYS A 55 10.27 6.33 36.06
C LYS A 55 11.80 6.11 36.14
N LEU A 56 12.48 6.93 36.95
CA LEU A 56 13.93 6.90 37.12
C LEU A 56 14.48 5.60 37.73
N ALA A 57 15.51 5.01 37.07
CA ALA A 57 16.19 3.78 37.50
N THR A 63 24.11 4.73 41.56
CA THR A 63 23.79 5.22 42.91
C THR A 63 22.36 5.74 42.94
N THR A 64 21.63 5.48 44.06
CA THR A 64 20.26 5.97 44.28
C THR A 64 20.31 7.50 44.49
N GLU A 65 21.44 8.02 45.01
CA GLU A 65 21.62 9.46 45.21
C GLU A 65 21.95 10.18 43.89
N GLU A 66 22.73 9.52 42.98
CA GLU A 66 23.12 10.06 41.66
C GLU A 66 21.94 10.16 40.70
N LEU A 67 20.99 9.23 40.85
CA LEU A 67 19.74 9.20 40.09
C LEU A 67 18.84 10.35 40.59
N LYS A 68 18.85 10.66 41.91
CA LYS A 68 18.06 11.77 42.47
C LYS A 68 18.62 13.11 41.94
N GLN A 69 19.96 13.21 41.80
CA GLN A 69 20.64 14.40 41.26
C GLN A 69 20.18 14.65 39.79
N GLN A 70 20.05 13.58 39.01
CA GLN A 70 19.57 13.55 37.62
C GLN A 70 18.05 13.96 37.55
N PHE A 71 17.32 13.75 38.66
CA PHE A 71 15.90 14.08 38.83
C PHE A 71 15.74 15.56 39.15
N ASP A 72 16.50 16.09 40.11
CA ASP A 72 16.46 17.48 40.56
C ASP A 72 16.96 18.50 39.53
N GLN A 73 18.02 18.14 38.79
CA GLN A 73 18.65 18.97 37.76
C GLN A 73 17.69 19.13 36.59
N GLU A 74 16.99 18.05 36.22
CA GLU A 74 16.00 18.02 35.14
C GLU A 74 14.85 18.98 35.44
N ILE A 75 14.38 19.01 36.70
CA ILE A 75 13.31 19.90 37.16
C ILE A 75 13.81 21.33 37.15
N LYS A 76 15.04 21.56 37.62
CA LYS A 76 15.65 22.89 37.69
C LYS A 76 15.82 23.55 36.30
N VAL A 77 16.32 22.77 35.33
CA VAL A 77 16.54 23.16 33.93
C VAL A 77 15.20 23.39 33.23
N MET A 78 14.22 22.56 33.48
CA MET A 78 12.89 22.69 32.87
C MET A 78 12.06 23.81 33.45
N ALA A 79 12.35 24.19 34.72
CA ALA A 79 11.68 25.31 35.39
C ALA A 79 12.13 26.63 34.74
N LYS A 80 13.41 26.71 34.34
CA LYS A 80 14.03 27.87 33.68
C LYS A 80 13.79 27.87 32.16
N CYS A 81 14.01 26.71 31.52
CA CYS A 81 13.93 26.55 30.07
C CYS A 81 12.60 26.06 29.50
N GLN A 82 11.80 26.99 28.97
CA GLN A 82 10.51 26.74 28.33
C GLN A 82 10.62 27.31 26.90
N HIS A 83 10.58 26.43 25.89
CA HIS A 83 10.70 26.80 24.47
C HIS A 83 9.94 25.76 23.64
N GLU A 84 9.43 26.19 22.49
CA GLU A 84 8.69 25.31 21.60
C GLU A 84 9.49 24.10 21.09
N ASN A 85 10.84 24.19 21.07
CA ASN A 85 11.69 23.10 20.62
C ASN A 85 12.35 22.34 21.78
N LEU A 86 11.73 22.42 22.97
CA LEU A 86 12.15 21.64 24.14
C LEU A 86 10.94 20.88 24.63
N VAL A 87 11.15 19.71 25.24
CA VAL A 87 10.05 18.92 25.81
C VAL A 87 9.47 19.67 27.00
N GLU A 88 8.16 19.53 27.20
CA GLU A 88 7.48 20.22 28.28
C GLU A 88 7.20 19.26 29.45
N LEU A 89 7.70 19.64 30.62
CA LEU A 89 7.50 18.88 31.82
C LEU A 89 6.23 19.40 32.40
N LEU A 90 5.37 18.50 32.87
CA LEU A 90 4.08 18.86 33.47
C LEU A 90 4.18 18.79 34.99
N GLY A 91 4.89 17.78 35.49
CA GLY A 91 5.11 17.61 36.91
C GLY A 91 6.00 16.40 37.18
N PHE A 92 6.21 16.12 38.46
CA PHE A 92 7.04 15.03 38.93
C PHE A 92 6.34 14.29 40.07
N SER A 93 7.01 13.25 40.58
CA SER A 93 6.56 12.46 41.71
C SER A 93 7.75 12.02 42.54
N SER A 94 7.68 12.27 43.84
CA SER A 94 8.72 11.91 44.80
C SER A 94 8.19 11.02 45.92
N ASP A 95 6.85 11.08 46.20
CA ASP A 95 6.14 10.36 47.26
C ASP A 95 6.33 8.84 47.32
N GLY A 96 6.09 8.13 46.20
CA GLY A 96 6.19 6.67 46.15
C GLY A 96 7.59 6.08 46.16
N ASP A 97 7.72 4.80 45.75
CA ASP A 97 8.98 4.06 45.71
C ASP A 97 9.99 4.72 44.75
N ASP A 98 9.64 4.78 43.45
CA ASP A 98 10.50 5.36 42.42
C ASP A 98 10.14 6.81 42.10
N LEU A 99 11.16 7.57 41.63
CA LEU A 99 11.03 8.98 41.22
C LEU A 99 10.46 9.04 39.81
N CYS A 100 9.52 9.96 39.59
CA CYS A 100 8.82 10.12 38.32
C CYS A 100 8.85 11.52 37.72
N LEU A 101 8.88 11.59 36.37
CA LEU A 101 8.87 12.84 35.61
C LEU A 101 7.80 12.73 34.56
N VAL A 102 6.85 13.65 34.59
CA VAL A 102 5.71 13.63 33.68
C VAL A 102 5.81 14.74 32.66
N TYR A 103 5.85 14.34 31.40
CA TYR A 103 5.98 15.22 30.25
C TYR A 103 4.78 15.14 29.34
N VAL A 104 4.63 16.15 28.45
CA VAL A 104 3.63 16.15 27.38
C VAL A 104 4.09 15.04 26.44
N TYR A 105 3.14 14.17 26.04
CA TYR A 105 3.34 13.02 25.14
C TYR A 105 3.79 13.45 23.72
N MET A 106 4.86 12.77 23.21
CA MET A 106 5.43 12.98 21.88
C MET A 106 5.02 11.79 20.97
N PRO A 107 3.86 11.89 20.29
CA PRO A 107 3.30 10.81 19.47
C PRO A 107 4.19 10.17 18.39
N ASN A 108 5.14 10.95 17.89
CA ASN A 108 6.04 10.51 16.83
C ASN A 108 7.38 10.02 17.29
N GLY A 109 7.52 9.87 18.63
CA GLY A 109 8.71 9.33 19.29
C GLY A 109 9.97 10.10 18.95
N SER A 110 11.08 9.37 18.75
CA SER A 110 12.39 9.96 18.56
C SER A 110 12.83 10.05 17.12
N LEU A 111 13.77 10.96 16.85
CA LEU A 111 14.37 11.15 15.54
C LEU A 111 15.10 9.86 15.11
N LEU A 112 15.77 9.17 16.08
CA LEU A 112 16.50 7.92 15.87
C LEU A 112 15.55 6.87 15.29
N ASP A 113 14.42 6.66 15.96
CA ASP A 113 13.42 5.70 15.56
C ASP A 113 12.78 6.03 14.20
N ARG A 114 12.54 7.33 13.92
CA ARG A 114 11.96 7.79 12.67
C ARG A 114 12.95 7.76 11.50
N LEU A 115 14.26 7.84 11.81
CA LEU A 115 15.24 7.71 10.74
C LEU A 115 15.46 6.22 10.41
N SER A 116 15.26 5.35 11.37
CA SER A 116 15.41 3.90 11.17
C SER A 116 14.09 3.23 10.76
N CYS A 117 12.97 4.02 10.68
CA CYS A 117 11.62 3.58 10.33
C CYS A 117 11.19 2.41 11.19
N LEU A 118 11.58 2.46 12.49
CA LEU A 118 11.26 1.44 13.49
C LEU A 118 9.75 1.29 13.62
N ASP A 119 9.29 0.03 13.56
CA ASP A 119 7.88 -0.43 13.61
C ASP A 119 7.06 -0.14 12.35
N GLY A 120 7.72 0.07 11.20
CA GLY A 120 7.04 0.30 9.93
C GLY A 120 6.56 1.72 9.69
N THR A 121 7.01 2.69 10.48
CA THR A 121 6.64 4.08 10.25
C THR A 121 7.30 4.56 8.94
N PRO A 122 6.59 5.40 8.13
CA PRO A 122 7.13 5.82 6.83
C PRO A 122 8.36 6.70 6.97
N PRO A 123 9.30 6.62 5.98
CA PRO A 123 10.51 7.44 6.06
C PRO A 123 10.18 8.91 6.10
N LEU A 124 11.05 9.71 6.72
CA LEU A 124 10.86 11.14 6.77
C LEU A 124 11.27 11.78 5.46
N SER A 125 10.46 12.69 4.94
CA SER A 125 10.81 13.41 3.72
C SER A 125 11.94 14.41 4.04
N TRP A 126 12.64 14.89 3.00
CA TRP A 126 13.69 15.89 3.16
C TRP A 126 13.11 17.19 3.73
N HIS A 127 11.88 17.52 3.30
CA HIS A 127 11.15 18.68 3.81
C HIS A 127 10.94 18.60 5.34
N MET A 128 10.51 17.43 5.86
CA MET A 128 10.36 17.21 7.29
C MET A 128 11.72 17.30 8.03
N ARG A 129 12.77 16.68 7.44
CA ARG A 129 14.13 16.67 7.98
C ARG A 129 14.73 18.06 8.15
N CYS A 130 14.48 18.98 7.16
CA CYS A 130 14.95 20.36 7.21
C CYS A 130 14.27 21.08 8.37
N LYS A 131 12.97 20.85 8.55
CA LYS A 131 12.20 21.43 9.64
C LYS A 131 12.72 20.94 11.00
N ILE A 132 13.00 19.63 11.13
CA ILE A 132 13.52 19.00 12.34
C ILE A 132 14.90 19.55 12.71
N ALA A 133 15.79 19.72 11.72
CA ALA A 133 17.14 20.25 11.91
C ALA A 133 17.07 21.69 12.43
N GLN A 134 16.21 22.53 11.82
CA GLN A 134 15.98 23.92 12.22
C GLN A 134 15.43 24.01 13.62
N GLY A 135 14.42 23.20 13.91
CA GLY A 135 13.78 23.09 15.22
C GLY A 135 14.77 22.69 16.31
N ALA A 136 15.60 21.65 16.07
CA ALA A 136 16.58 21.18 17.05
C ALA A 136 17.65 22.27 17.33
N ALA A 137 18.05 23.02 16.29
CA ALA A 137 19.00 24.14 16.38
C ALA A 137 18.42 25.29 17.18
N ASN A 138 17.09 25.54 17.04
CA ASN A 138 16.41 26.58 17.83
C ASN A 138 16.33 26.17 19.30
N GLY A 139 16.19 24.87 19.58
CA GLY A 139 16.17 24.33 20.94
C GLY A 139 17.56 24.44 21.61
N ILE A 140 18.63 24.08 20.89
CA ILE A 140 20.01 24.17 21.40
C ILE A 140 20.37 25.65 21.62
N ASN A 141 19.90 26.54 20.72
CA ASN A 141 20.15 27.97 20.85
C ASN A 141 19.57 28.51 22.14
N PHE A 142 18.30 28.12 22.42
CA PHE A 142 17.61 28.52 23.64
C PHE A 142 18.39 28.11 24.89
N LEU A 143 18.92 26.86 24.92
CA LEU A 143 19.69 26.37 26.06
C LEU A 143 21.00 27.15 26.23
N HIS A 144 21.69 27.43 25.11
CA HIS A 144 22.96 28.18 25.12
C HIS A 144 22.78 29.65 25.50
N GLU A 145 21.72 30.32 24.95
CA GLU A 145 21.37 31.72 25.27
C GLU A 145 21.08 31.85 26.77
N ASN A 146 20.57 30.77 27.39
CA ASN A 146 20.22 30.67 28.80
C ASN A 146 21.31 29.98 29.64
N HIS A 147 22.55 29.94 29.11
CA HIS A 147 23.74 29.40 29.77
C HIS A 147 23.65 27.96 30.28
N HIS A 148 23.10 27.07 29.45
CA HIS A 148 22.98 25.65 29.72
C HIS A 148 23.70 24.82 28.66
N ILE A 149 24.38 23.76 29.11
CA ILE A 149 25.09 22.80 28.25
C ILE A 149 24.31 21.50 28.40
N HIS A 150 23.78 20.96 27.29
CA HIS A 150 22.99 19.74 27.32
C HIS A 150 23.82 18.50 27.72
N ARG A 151 25.01 18.30 27.09
CA ARG A 151 25.95 17.19 27.32
C ARG A 151 25.56 15.82 26.76
N ASP A 152 24.38 15.73 26.12
CA ASP A 152 23.93 14.48 25.49
C ASP A 152 23.01 14.73 24.27
N ILE A 153 23.43 15.64 23.36
CA ILE A 153 22.70 15.90 22.10
C ILE A 153 22.92 14.68 21.19
N LYS A 154 21.83 13.98 20.89
CA LYS A 154 21.78 12.79 20.05
C LYS A 154 20.37 12.62 19.52
N SER A 155 20.21 11.85 18.42
CA SER A 155 18.91 11.64 17.78
C SER A 155 17.88 11.01 18.67
N ALA A 156 18.30 10.16 19.59
CA ALA A 156 17.39 9.49 20.51
C ALA A 156 16.83 10.48 21.54
N ASN A 157 17.47 11.68 21.65
CA ASN A 157 17.08 12.77 22.56
C ASN A 157 16.34 13.92 21.86
N ILE A 158 16.11 13.82 20.55
CA ILE A 158 15.31 14.77 19.77
C ILE A 158 13.98 14.05 19.52
N LEU A 159 12.94 14.51 20.21
CA LEU A 159 11.62 13.94 20.14
C LEU A 159 10.75 14.70 19.13
N LEU A 160 9.75 14.01 18.61
CA LEU A 160 8.88 14.56 17.57
C LEU A 160 7.40 14.55 17.98
N ASP A 161 6.74 15.71 17.90
CA ASP A 161 5.34 15.81 18.27
C ASP A 161 4.37 15.45 17.10
N GLU A 162 3.11 15.79 17.29
CA GLU A 162 1.97 15.62 16.38
C GLU A 162 2.26 16.18 14.98
N ALA A 163 3.09 17.23 14.91
CA ALA A 163 3.42 17.93 13.67
C ALA A 163 4.87 17.73 13.26
N PHE A 164 5.56 16.73 13.87
CA PHE A 164 6.98 16.44 13.63
C PHE A 164 7.88 17.62 13.96
N THR A 165 7.45 18.43 14.96
CA THR A 165 8.24 19.50 15.52
C THR A 165 9.31 18.81 16.41
N ALA A 166 10.56 19.26 16.27
CA ALA A 166 11.69 18.74 17.03
C ALA A 166 11.68 19.29 18.44
N LYS A 167 11.84 18.42 19.45
CA LYS A 167 11.82 18.79 20.85
C LYS A 167 12.98 18.11 21.54
N ILE A 168 13.96 18.91 22.01
CA ILE A 168 15.11 18.39 22.75
C ILE A 168 14.59 17.86 24.11
N SER A 169 15.07 16.67 24.51
CA SER A 169 14.72 16.03 25.78
C SER A 169 15.99 15.66 26.53
N ASP A 170 15.86 15.13 27.77
CA ASP A 170 16.94 14.67 28.66
C ASP A 170 17.90 15.75 29.13
N PHE A 171 17.55 16.39 30.24
CA PHE A 171 18.36 17.46 30.81
C PHE A 171 18.98 17.04 32.15
N GLY A 172 19.01 15.72 32.44
CA GLY A 172 19.53 15.13 33.68
C GLY A 172 21.03 15.42 33.85
N LEU A 173 21.78 15.37 32.73
CA LEU A 173 23.22 15.62 32.67
C LEU A 173 23.54 17.08 32.37
N ALA A 174 22.51 17.92 32.12
CA ALA A 174 22.72 19.33 31.78
C ALA A 174 23.50 20.14 32.84
N ARG A 175 24.34 21.08 32.39
CA ARG A 175 25.18 21.94 33.23
C ARG A 175 25.02 23.41 32.89
N ALA A 176 25.08 24.28 33.92
CA ALA A 176 25.00 25.73 33.76
C ALA A 176 26.37 26.38 33.46
N SER A 177 26.36 27.56 32.81
CA SER A 177 27.53 28.39 32.47
C SER A 177 27.33 29.87 32.99
N GLU A 178 27.96 30.88 32.35
CA GLU A 178 27.83 32.28 32.75
CA GLN A 182 34.69 29.47 31.08
C GLN A 182 34.58 27.95 30.94
N TPO A 183 35.59 27.33 30.31
CA TPO A 183 35.59 25.87 30.11
CB TPO A 183 36.18 25.34 28.79
CG2 TPO A 183 36.19 23.81 28.77
OG1 TPO A 183 35.32 25.78 27.75
P TPO A 183 35.95 26.84 26.81
O1P TPO A 183 36.23 28.15 27.57
O2P TPO A 183 34.90 27.09 25.70
O3P TPO A 183 37.31 26.41 26.26
C TPO A 183 35.97 25.10 31.37
O TPO A 183 37.10 25.21 31.86
N VAL A 184 35.01 24.32 31.88
CA VAL A 184 35.10 23.49 33.09
C VAL A 184 35.67 22.10 32.71
N MET A 185 36.08 21.33 33.72
CA MET A 185 36.59 19.96 33.60
C MET A 185 35.82 19.09 34.60
N TPO A 186 35.76 17.78 34.34
CA TPO A 186 35.04 16.85 35.22
CB TPO A 186 33.51 16.66 34.92
CG2 TPO A 186 33.29 16.00 33.52
OG1 TPO A 186 32.81 15.85 35.91
P TPO A 186 32.21 16.64 37.11
O1P TPO A 186 33.36 16.70 38.08
O2P TPO A 186 31.94 18.12 36.79
O3P TPO A 186 31.00 15.90 37.68
C TPO A 186 35.72 15.49 35.30
O TPO A 186 36.38 15.06 34.36
N SEP A 187 35.56 14.82 36.44
CA SEP A 187 36.12 13.49 36.63
CB SEP A 187 36.63 13.31 38.07
OG SEP A 187 35.59 13.67 38.99
C SEP A 187 35.09 12.43 36.22
O SEP A 187 35.44 11.25 36.06
P SEP A 187 36.16 13.64 40.43
O1P SEP A 187 34.94 13.86 41.36
O2P SEP A 187 37.22 14.77 40.55
O3P SEP A 187 36.79 12.26 40.76
N ARG A 188 33.82 12.86 36.04
CA ARG A 188 32.72 11.98 35.61
C ARG A 188 32.37 12.31 34.16
N ILE A 189 32.95 11.54 33.22
CA ILE A 189 32.72 11.70 31.78
C ILE A 189 31.44 10.98 31.40
N VAL A 190 30.42 11.78 31.02
CA VAL A 190 29.09 11.32 30.63
C VAL A 190 28.72 11.77 29.21
N GLY A 191 27.88 10.97 28.54
CA GLY A 191 27.41 11.21 27.19
C GLY A 191 27.44 9.91 26.40
N THR A 192 27.18 10.02 25.08
CA THR A 192 27.18 8.88 24.14
C THR A 192 28.37 9.07 23.22
N THR A 193 29.37 8.19 23.37
CA THR A 193 30.67 8.19 22.69
C THR A 193 30.62 8.56 21.22
N ALA A 194 29.68 7.94 20.48
CA ALA A 194 29.52 8.10 19.02
C ALA A 194 29.12 9.53 18.60
N TYR A 195 28.63 10.33 19.57
CA TYR A 195 28.21 11.72 19.39
C TYR A 195 29.14 12.71 20.06
N MET A 196 29.99 12.23 20.96
CA MET A 196 30.89 13.07 21.76
C MET A 196 32.07 13.68 21.04
N ALA A 197 32.33 14.97 21.33
CA ALA A 197 33.48 15.74 20.82
C ALA A 197 34.75 15.23 21.51
N PRO A 198 35.95 15.41 20.88
CA PRO A 198 37.19 14.93 21.51
C PRO A 198 37.42 15.48 22.94
N GLU A 199 37.19 16.80 23.14
CA GLU A 199 37.35 17.42 24.45
C GLU A 199 36.39 16.92 25.50
N ALA A 200 35.14 16.64 25.10
CA ALA A 200 34.10 16.09 25.99
C ALA A 200 34.48 14.68 26.47
N LEU A 201 35.14 13.88 25.59
CA LEU A 201 35.59 12.53 25.93
C LEU A 201 36.74 12.57 26.94
N ARG A 202 37.42 13.72 27.03
CA ARG A 202 38.56 14.01 27.89
C ARG A 202 38.17 14.72 29.19
N GLY A 203 36.88 15.05 29.37
CA GLY A 203 36.43 15.65 30.61
C GLY A 203 36.02 17.08 30.56
N GLU A 204 36.24 17.77 29.43
CA GLU A 204 35.86 19.17 29.29
C GLU A 204 34.36 19.33 29.22
N ILE A 205 33.86 20.47 29.74
CA ILE A 205 32.45 20.86 29.73
C ILE A 205 32.37 22.23 29.08
N THR A 206 31.89 22.26 27.84
CA THR A 206 31.74 23.46 27.01
C THR A 206 30.51 23.33 26.08
N PRO A 207 29.83 24.47 25.73
CA PRO A 207 28.71 24.43 24.78
C PRO A 207 29.19 23.96 23.41
N LYS A 208 30.49 24.18 23.12
CA LYS A 208 31.15 23.81 21.86
C LYS A 208 31.07 22.31 21.59
N SER A 209 30.93 21.49 22.66
CA SER A 209 30.78 20.05 22.53
C SER A 209 29.37 19.70 22.05
N ASP A 210 28.35 20.52 22.43
CA ASP A 210 26.95 20.34 22.05
C ASP A 210 26.81 20.49 20.53
N ILE A 211 27.55 21.45 19.97
CA ILE A 211 27.64 21.77 18.54
C ILE A 211 28.21 20.57 17.77
N TYR A 212 29.27 19.93 18.28
CA TYR A 212 29.88 18.76 17.66
C TYR A 212 28.86 17.64 17.51
N SER A 213 28.19 17.26 18.63
CA SER A 213 27.13 16.27 18.75
C SER A 213 26.01 16.57 17.76
N PHE A 214 25.63 17.86 17.65
CA PHE A 214 24.61 18.28 16.70
C PHE A 214 25.03 17.96 15.26
N GLY A 215 26.34 18.06 14.95
CA GLY A 215 26.93 17.73 13.66
C GLY A 215 26.71 16.25 13.32
N VAL A 216 26.89 15.36 14.32
CA VAL A 216 26.63 13.91 14.14
C VAL A 216 25.13 13.71 13.81
N VAL A 217 24.25 14.44 14.52
CA VAL A 217 22.78 14.41 14.33
C VAL A 217 22.41 14.85 12.90
N LEU A 218 23.07 15.87 12.35
CA LEU A 218 22.82 16.34 11.00
C LEU A 218 23.23 15.30 9.95
N LEU A 219 24.34 14.52 10.23
CA LEU A 219 24.79 13.46 9.33
C LEU A 219 23.82 12.31 9.41
N GLU A 220 23.14 12.12 10.57
CA GLU A 220 22.11 11.08 10.70
C GLU A 220 20.90 11.45 9.86
N ILE A 221 20.51 12.75 9.91
CA ILE A 221 19.37 13.31 9.14
C ILE A 221 19.61 13.14 7.61
N ILE A 222 20.82 13.48 7.11
CA ILE A 222 21.19 13.37 5.69
C ILE A 222 21.21 11.92 5.18
N THR A 223 21.85 11.03 5.98
CA THR A 223 22.11 9.62 5.66
C THR A 223 21.09 8.60 6.11
N GLY A 224 20.40 8.84 7.22
CA GLY A 224 19.47 7.84 7.76
C GLY A 224 20.23 6.68 8.44
N LEU A 225 21.56 6.84 8.62
CA LEU A 225 22.48 5.86 9.22
C LEU A 225 22.65 6.14 10.72
N PRO A 226 22.73 5.12 11.59
CA PRO A 226 22.93 5.39 13.02
C PRO A 226 24.39 5.86 13.28
N ALA A 227 24.60 6.67 14.35
CA ALA A 227 25.95 7.19 14.70
C ALA A 227 27.01 6.09 14.80
N VAL A 228 26.61 4.93 15.32
CA VAL A 228 27.48 3.78 15.44
C VAL A 228 26.79 2.48 14.97
N ASP A 229 27.50 1.72 14.13
CA ASP A 229 27.05 0.42 13.66
C ASP A 229 28.23 -0.54 13.69
N GLU A 230 28.16 -1.58 14.53
CA GLU A 230 29.21 -2.61 14.68
C GLU A 230 29.57 -3.24 13.34
N HIS A 231 28.54 -3.63 12.55
CA HIS A 231 28.64 -4.24 11.23
C HIS A 231 28.60 -3.17 10.12
N ARG A 232 29.59 -2.24 10.10
CA ARG A 232 29.68 -1.16 9.08
C ARG A 232 31.09 -0.56 8.93
N GLU A 233 31.39 -0.02 7.75
CA GLU A 233 32.64 0.65 7.43
C GLU A 233 32.35 2.04 6.81
N PRO A 234 32.63 3.17 7.55
CA PRO A 234 33.20 3.23 8.92
C PRO A 234 32.15 2.93 9.97
N GLN A 235 32.56 2.40 11.11
CA GLN A 235 31.65 2.08 12.20
C GLN A 235 31.03 3.35 12.83
N LEU A 236 31.78 4.46 12.83
CA LEU A 236 31.31 5.73 13.37
C LEU A 236 31.00 6.68 12.23
N LEU A 237 29.74 7.16 12.19
CA LEU A 237 29.24 8.07 11.17
C LEU A 237 30.12 9.30 10.98
N LEU A 238 30.65 9.90 12.06
CA LEU A 238 31.50 11.10 11.98
C LEU A 238 32.72 10.95 11.08
N ASP A 239 33.15 9.68 10.84
CA ASP A 239 34.30 9.37 9.99
C ASP A 239 34.02 9.62 8.51
N ILE A 240 32.72 9.58 8.10
CA ILE A 240 32.36 9.87 6.71
C ILE A 240 32.85 11.23 6.31
N LYS A 241 32.95 12.19 7.26
CA LYS A 241 33.47 13.53 6.99
C LYS A 241 34.87 13.46 6.30
N GLU A 242 35.70 12.50 6.74
CA GLU A 242 37.06 12.27 6.25
C GLU A 242 37.05 11.65 4.84
N GLU A 243 36.16 10.66 4.60
CA GLU A 243 35.95 10.00 3.30
C GLU A 243 35.55 11.02 2.22
N ILE A 244 34.66 11.98 2.57
CA ILE A 244 34.24 13.08 1.69
C ILE A 244 35.37 14.10 1.50
N GLU A 245 36.08 14.47 2.60
CA GLU A 245 37.19 15.44 2.52
C GLU A 245 38.37 14.91 1.69
N ASP A 246 38.68 13.61 1.80
CA ASP A 246 39.76 12.96 1.05
C ASP A 246 39.37 12.74 -0.44
N GLU A 247 38.10 13.06 -0.80
CA GLU A 247 37.46 12.90 -2.11
C GLU A 247 37.27 11.45 -2.57
N GLU A 248 37.42 10.48 -1.63
CA GLU A 248 37.21 9.06 -1.86
C GLU A 248 35.73 8.80 -2.20
N LYS A 249 34.82 9.54 -1.51
CA LYS A 249 33.37 9.48 -1.68
C LYS A 249 32.84 10.91 -1.67
N THR A 250 31.55 11.08 -2.02
CA THR A 250 30.82 12.36 -1.99
C THR A 250 29.61 12.25 -1.05
N ILE A 251 29.04 13.40 -0.65
CA ILE A 251 27.84 13.38 0.21
C ILE A 251 26.64 12.73 -0.48
N GLU A 252 26.54 12.92 -1.82
CA GLU A 252 25.51 12.32 -2.66
C GLU A 252 25.49 10.79 -2.56
N ASP A 253 26.65 10.16 -2.33
CA ASP A 253 26.76 8.71 -2.13
C ASP A 253 26.21 8.29 -0.76
N TYR A 254 26.13 9.25 0.19
CA TYR A 254 25.66 8.96 1.54
C TYR A 254 24.20 9.34 1.84
N ILE A 255 23.59 10.22 0.98
CA ILE A 255 22.19 10.65 1.08
C ILE A 255 21.28 9.46 1.25
N ASP A 256 20.38 9.54 2.23
CA ASP A 256 19.37 8.51 2.52
C ASP A 256 18.56 8.26 1.22
N LYS A 257 18.57 7.01 0.77
CA LYS A 257 17.85 6.61 -0.43
C LYS A 257 16.34 6.51 -0.17
N LYS A 258 15.93 6.55 1.11
CA LYS A 258 14.51 6.51 1.52
C LYS A 258 13.81 7.88 1.41
N MET A 259 14.31 8.74 0.51
CA MET A 259 13.79 10.10 0.21
C MET A 259 13.56 10.25 -1.28
N ASN A 260 12.47 10.93 -1.70
CA ASN A 260 12.16 11.27 -3.10
C ASN A 260 12.25 12.79 -3.36
N ASP A 261 12.34 13.63 -2.29
CA ASP A 261 12.34 15.10 -2.34
C ASP A 261 13.63 15.84 -1.95
N ALA A 262 14.75 15.14 -1.83
CA ALA A 262 15.99 15.78 -1.43
C ALA A 262 16.73 16.42 -2.61
N ASP A 263 16.90 17.74 -2.60
CA ASP A 263 17.70 18.37 -3.66
C ASP A 263 19.16 18.52 -3.18
N SER A 264 20.10 18.36 -4.11
CA SER A 264 21.56 18.45 -3.90
C SER A 264 22.01 19.73 -3.22
N THR A 265 21.44 20.85 -3.60
CA THR A 265 21.80 22.17 -3.06
C THR A 265 21.55 22.23 -1.56
N SER A 266 20.31 21.90 -1.11
CA SER A 266 19.98 21.92 0.32
C SER A 266 20.70 20.83 1.11
N VAL A 267 20.89 19.62 0.52
CA VAL A 267 21.64 18.54 1.17
C VAL A 267 23.08 18.99 1.45
N GLU A 268 23.77 19.53 0.43
CA GLU A 268 25.14 20.04 0.55
C GLU A 268 25.20 21.20 1.54
N ALA A 269 24.18 22.06 1.57
CA ALA A 269 24.12 23.17 2.51
C ALA A 269 24.04 22.65 3.96
N MET A 270 23.24 21.58 4.21
CA MET A 270 23.14 20.97 5.53
C MET A 270 24.44 20.26 5.89
N TYR A 271 25.05 19.56 4.92
CA TYR A 271 26.33 18.86 5.12
C TYR A 271 27.42 19.83 5.50
N SER A 272 27.45 21.00 4.86
CA SER A 272 28.44 22.05 5.12
C SER A 272 28.36 22.46 6.61
N VAL A 273 27.13 22.64 7.13
CA VAL A 273 26.88 22.96 8.54
C VAL A 273 27.44 21.81 9.41
N ALA A 274 27.08 20.53 9.10
CA ALA A 274 27.53 19.34 9.85
C ALA A 274 29.05 19.23 9.85
N SER A 275 29.68 19.48 8.69
CA SER A 275 31.12 19.48 8.52
C SER A 275 31.75 20.54 9.45
N GLN A 276 31.23 21.78 9.45
CA GLN A 276 31.72 22.86 10.31
C GLN A 276 31.56 22.50 11.79
N CYS A 277 30.41 21.89 12.18
CA CYS A 277 30.09 21.47 13.54
C CYS A 277 31.08 20.44 14.01
N LEU A 278 31.50 19.56 13.09
CA LEU A 278 32.40 18.44 13.36
C LEU A 278 33.89 18.76 13.28
N HIS A 279 34.24 20.03 13.41
CA HIS A 279 35.65 20.41 13.46
C HIS A 279 36.20 19.83 14.76
N GLU A 280 37.36 19.15 14.71
CA GLU A 280 37.98 18.55 15.89
C GLU A 280 38.48 19.57 16.94
N LYS A 281 38.77 20.80 16.49
CA LYS A 281 39.20 21.89 17.35
C LYS A 281 37.98 22.69 17.79
N LYS A 282 37.56 22.54 19.05
CA LYS A 282 36.43 23.25 19.63
C LYS A 282 36.24 24.73 19.24
N ASN A 283 37.36 25.48 19.14
CA ASN A 283 37.35 26.92 18.83
C ASN A 283 37.10 27.24 17.36
N LYS A 284 37.30 26.25 16.49
CA LYS A 284 37.09 26.39 15.06
C LYS A 284 35.62 26.15 14.67
N ARG A 285 34.85 25.50 15.55
CA ARG A 285 33.42 25.22 15.38
C ARG A 285 32.56 26.48 15.36
N PRO A 286 31.45 26.49 14.59
CA PRO A 286 30.56 27.67 14.63
C PRO A 286 29.74 27.62 15.93
N ASP A 287 29.26 28.76 16.40
CA ASP A 287 28.42 28.77 17.59
C ASP A 287 26.98 28.37 17.15
N ILE A 288 26.07 28.12 18.11
CA ILE A 288 24.70 27.74 17.75
C ILE A 288 23.96 28.77 16.90
N LYS A 289 24.20 30.10 17.15
CA LYS A 289 23.58 31.20 16.41
C LYS A 289 23.96 31.13 14.95
N LYS A 290 25.22 30.80 14.65
CA LYS A 290 25.69 30.65 13.27
C LYS A 290 25.03 29.40 12.63
N VAL A 291 24.98 28.28 13.37
CA VAL A 291 24.38 27.02 12.93
C VAL A 291 22.92 27.27 12.53
N GLN A 292 22.20 28.01 13.40
CA GLN A 292 20.80 28.41 13.24
C GLN A 292 20.62 29.23 11.97
N GLN A 293 21.49 30.25 11.75
CA GLN A 293 21.48 31.15 10.58
C GLN A 293 21.62 30.35 9.30
N LEU A 294 22.66 29.53 9.23
CA LEU A 294 22.98 28.68 8.08
C LEU A 294 21.86 27.70 7.73
N LEU A 295 21.19 27.12 8.75
CA LEU A 295 20.07 26.19 8.56
C LEU A 295 18.84 26.92 8.01
N GLN A 296 18.65 28.17 8.40
CA GLN A 296 17.55 29.00 7.91
C GLN A 296 17.79 29.40 6.46
N GLU A 297 19.05 29.75 6.12
CA GLU A 297 19.50 30.14 4.77
C GLU A 297 19.33 29.00 3.77
N MET A 298 19.40 27.75 4.28
CA MET A 298 19.28 26.51 3.53
C MET A 298 17.86 26.35 2.96
N THR A 299 16.82 26.76 3.72
CA THR A 299 15.44 26.68 3.25
C THR A 299 14.93 27.95 2.58
N ALA A 300 15.71 29.06 2.62
CA ALA A 300 15.36 30.34 1.98
CA SER B 2 -2.84 -39.75 -12.53
C SER B 2 -3.73 -38.68 -13.16
N ASP B 3 -3.12 -37.62 -13.73
CA ASP B 3 -3.81 -36.50 -14.38
C ASP B 3 -4.31 -36.85 -15.80
N THR B 4 -4.47 -38.15 -16.09
CA THR B 4 -4.92 -38.68 -17.40
C THR B 4 -6.17 -39.58 -17.25
N ARG B 5 -6.68 -39.69 -16.02
CA ARG B 5 -7.78 -40.54 -15.59
C ARG B 5 -8.97 -39.74 -15.02
N PHE B 6 -10.21 -40.23 -15.27
CA PHE B 6 -11.43 -39.69 -14.69
C PHE B 6 -11.65 -40.49 -13.38
N HIS B 7 -11.05 -40.02 -12.26
CA HIS B 7 -11.08 -40.69 -10.95
C HIS B 7 -12.46 -40.93 -10.37
N SER B 8 -12.68 -42.12 -9.82
CA SER B 8 -13.93 -42.44 -9.12
C SER B 8 -13.63 -42.19 -7.65
N PHE B 9 -14.23 -41.13 -7.10
CA PHE B 9 -13.99 -40.76 -5.71
C PHE B 9 -14.95 -41.40 -4.74
N SER B 10 -14.45 -41.63 -3.52
CA SER B 10 -15.23 -42.14 -2.42
C SER B 10 -15.97 -40.94 -1.83
N PHE B 11 -17.26 -41.11 -1.48
CA PHE B 11 -18.06 -40.08 -0.84
C PHE B 11 -17.38 -39.60 0.43
N TYR B 12 -16.75 -40.53 1.15
CA TYR B 12 -16.03 -40.26 2.39
C TYR B 12 -14.72 -39.50 2.19
N GLU B 13 -14.11 -39.61 0.99
CA GLU B 13 -12.88 -38.85 0.71
C GLU B 13 -13.30 -37.41 0.50
N LEU B 14 -14.41 -37.23 -0.23
CA LEU B 14 -14.98 -35.93 -0.57
C LEU B 14 -15.60 -35.22 0.61
N LYS B 15 -16.23 -35.97 1.53
CA LYS B 15 -16.83 -35.43 2.75
C LYS B 15 -15.69 -35.00 3.68
N ASN B 16 -14.62 -35.81 3.76
CA ASN B 16 -13.45 -35.55 4.60
C ASN B 16 -12.64 -34.34 4.17
N VAL B 17 -12.33 -34.23 2.86
CA VAL B 17 -11.51 -33.15 2.29
C VAL B 17 -12.15 -31.74 2.27
N THR B 18 -13.50 -31.67 2.45
CA THR B 18 -14.30 -30.44 2.51
C THR B 18 -14.86 -30.21 3.94
N ASN B 19 -14.22 -30.86 4.96
CA ASN B 19 -14.55 -30.81 6.40
C ASN B 19 -16.03 -31.01 6.68
N ASN B 20 -16.55 -32.16 6.23
CA ASN B 20 -17.93 -32.61 6.34
C ASN B 20 -18.89 -31.63 5.64
N PHE B 21 -18.51 -31.19 4.41
CA PHE B 21 -19.25 -30.26 3.56
C PHE B 21 -19.55 -28.95 4.32
N ASP B 22 -18.49 -28.27 4.78
CA ASP B 22 -18.61 -27.01 5.52
C ASP B 22 -19.25 -25.90 4.67
N GLU B 23 -20.49 -25.49 5.02
CA GLU B 23 -21.25 -24.46 4.30
C GLU B 23 -20.78 -23.02 4.59
N ARG B 24 -19.72 -22.86 5.41
CA ARG B 24 -19.13 -21.58 5.77
C ARG B 24 -18.18 -21.10 4.66
N PRO B 25 -18.23 -19.79 4.28
CA PRO B 25 -17.33 -19.23 3.27
C PRO B 25 -15.84 -19.27 3.65
N ILE B 26 -14.97 -19.45 2.64
CA ILE B 26 -13.50 -19.52 2.81
C ILE B 26 -12.98 -18.10 3.04
N SER B 27 -12.40 -17.86 4.23
CA SER B 27 -11.84 -16.55 4.64
C SER B 27 -10.78 -16.77 5.71
N VAL B 28 -11.13 -17.54 6.75
CA VAL B 28 -10.26 -17.88 7.88
C VAL B 28 -10.23 -19.39 8.15
N GLY B 29 -11.28 -20.12 7.71
CA GLY B 29 -11.36 -21.57 7.88
C GLY B 29 -12.71 -22.16 7.42
N GLY B 30 -13.22 -21.73 6.25
CA GLY B 30 -14.48 -22.23 5.68
C GLY B 30 -14.21 -23.15 4.49
N ASN B 31 -15.27 -23.65 3.82
CA ASN B 31 -15.12 -24.54 2.66
C ASN B 31 -15.99 -24.22 1.43
N LYS B 32 -17.23 -23.72 1.63
CA LYS B 32 -18.17 -23.40 0.54
C LYS B 32 -17.65 -22.27 -0.37
N MET B 33 -17.84 -22.41 -1.71
CA MET B 33 -17.41 -21.45 -2.73
C MET B 33 -18.60 -20.79 -3.40
N GLY B 34 -19.64 -21.58 -3.72
CA GLY B 34 -20.90 -21.18 -4.38
C GLY B 34 -22.06 -22.03 -3.84
N GLU B 35 -23.31 -21.59 -4.05
CA GLU B 35 -24.47 -22.30 -3.50
C GLU B 35 -25.74 -22.23 -4.35
N GLY B 36 -26.69 -23.16 -4.08
CA GLY B 36 -28.02 -23.29 -4.69
C GLY B 36 -28.08 -23.43 -6.21
N GLY B 37 -29.33 -23.44 -6.72
CA GLY B 37 -29.67 -23.55 -8.14
C GLY B 37 -29.78 -25.00 -8.58
N PHE B 38 -28.65 -25.73 -8.54
CA PHE B 38 -28.54 -27.14 -8.98
C PHE B 38 -27.67 -27.94 -8.01
N GLY B 39 -26.58 -27.33 -7.52
CA GLY B 39 -25.67 -27.95 -6.59
C GLY B 39 -24.77 -26.95 -5.92
N VAL B 40 -24.35 -27.27 -4.69
CA VAL B 40 -23.44 -26.48 -3.85
C VAL B 40 -21.99 -26.90 -4.15
N VAL B 41 -21.04 -25.93 -4.22
CA VAL B 41 -19.62 -26.13 -4.54
C VAL B 41 -18.74 -25.88 -3.31
N TYR B 42 -17.80 -26.80 -3.02
CA TYR B 42 -16.89 -26.68 -1.87
C TYR B 42 -15.43 -26.82 -2.29
N LYS B 43 -14.51 -26.19 -1.56
CA LYS B 43 -13.07 -26.29 -1.78
C LYS B 43 -12.59 -27.58 -1.13
N GLY B 44 -11.75 -28.35 -1.85
CA GLY B 44 -11.22 -29.61 -1.37
C GLY B 44 -9.73 -29.74 -1.63
N TYR B 45 -9.11 -30.78 -1.04
CA TYR B 45 -7.70 -31.10 -1.22
C TYR B 45 -7.54 -32.60 -1.41
N VAL B 46 -7.25 -33.05 -2.65
CA VAL B 46 -7.03 -34.46 -2.97
C VAL B 46 -5.75 -34.67 -3.78
N ASN B 47 -4.77 -35.38 -3.20
CA ASN B 47 -3.45 -35.70 -3.80
C ASN B 47 -2.61 -34.43 -4.05
N ASN B 48 -2.46 -33.60 -2.97
CA ASN B 48 -1.74 -32.30 -2.87
C ASN B 48 -2.34 -31.21 -3.79
N THR B 49 -3.39 -31.56 -4.54
CA THR B 49 -4.13 -30.75 -5.50
C THR B 49 -5.36 -30.11 -4.86
N THR B 50 -5.59 -28.81 -5.16
CA THR B 50 -6.81 -28.15 -4.71
C THR B 50 -7.88 -28.50 -5.73
N VAL B 51 -9.06 -28.88 -5.27
CA VAL B 51 -10.18 -29.27 -6.13
C VAL B 51 -11.45 -28.51 -5.79
N ALA B 52 -12.45 -28.61 -6.66
CA ALA B 52 -13.74 -27.99 -6.46
C ALA B 52 -14.74 -29.13 -6.46
N VAL B 53 -15.48 -29.30 -5.38
CA VAL B 53 -16.42 -30.43 -5.27
C VAL B 53 -17.86 -29.91 -5.30
N LYS B 54 -18.66 -30.44 -6.25
CA LYS B 54 -20.06 -30.07 -6.42
C LYS B 54 -21.02 -31.20 -6.00
N LYS B 55 -22.01 -30.88 -5.13
CA LYS B 55 -23.05 -31.79 -4.64
C LYS B 55 -24.47 -31.40 -5.19
N LEU B 56 -24.92 -32.11 -6.24
CA LEU B 56 -26.22 -31.89 -6.88
N LEU B 67 -31.97 -38.12 -9.69
CA LEU B 67 -30.95 -37.14 -10.12
C LEU B 67 -29.76 -37.78 -10.85
N LYS B 68 -29.68 -39.13 -10.89
CA LYS B 68 -28.60 -39.89 -11.52
C LYS B 68 -28.41 -39.60 -13.02
N GLN B 69 -29.52 -39.49 -13.78
CA GLN B 69 -29.49 -39.18 -15.21
C GLN B 69 -29.07 -37.72 -15.45
N GLN B 70 -29.47 -36.80 -14.52
CA GLN B 70 -29.12 -35.38 -14.53
C GLN B 70 -27.63 -35.22 -14.21
N PHE B 71 -27.13 -36.02 -13.25
CA PHE B 71 -25.72 -36.11 -12.81
C PHE B 71 -24.87 -36.62 -13.98
N ASP B 72 -25.49 -37.40 -14.89
CA ASP B 72 -24.84 -37.92 -16.09
C ASP B 72 -24.81 -36.88 -17.23
N GLN B 73 -25.66 -35.79 -17.18
CA GLN B 73 -25.61 -34.70 -18.20
C GLN B 73 -24.26 -34.03 -18.05
N GLU B 74 -23.81 -33.85 -16.79
CA GLU B 74 -22.51 -33.28 -16.49
C GLU B 74 -21.36 -34.23 -16.91
N ILE B 75 -21.38 -35.51 -16.48
CA ILE B 75 -20.33 -36.50 -16.84
C ILE B 75 -20.23 -36.71 -18.34
N LYS B 76 -21.37 -36.71 -19.07
CA LYS B 76 -21.36 -36.87 -20.52
C LYS B 76 -20.85 -35.63 -21.25
N VAL B 77 -21.42 -34.41 -20.97
CA VAL B 77 -20.96 -33.13 -21.57
C VAL B 77 -19.46 -32.97 -21.31
N MET B 78 -19.00 -33.19 -20.05
CA MET B 78 -17.60 -33.06 -19.64
C MET B 78 -16.62 -34.07 -20.25
N ALA B 79 -17.10 -35.29 -20.51
CA ALA B 79 -16.30 -36.33 -21.13
C ALA B 79 -16.06 -35.94 -22.59
N LYS B 80 -17.14 -35.52 -23.32
CA LYS B 80 -17.09 -35.10 -24.72
C LYS B 80 -16.31 -33.80 -24.87
N CYS B 81 -16.67 -32.78 -24.06
CA CYS B 81 -16.14 -31.42 -24.16
C CYS B 81 -14.95 -31.10 -23.27
N GLN B 82 -13.74 -31.21 -23.86
CA GLN B 82 -12.44 -30.93 -23.26
C GLN B 82 -11.78 -29.91 -24.14
N HIS B 83 -11.59 -28.73 -23.53
CA HIS B 83 -11.08 -27.58 -24.21
C HIS B 83 -10.42 -26.70 -23.19
N GLU B 84 -9.47 -25.86 -23.63
CA GLU B 84 -8.73 -24.95 -22.75
C GLU B 84 -9.59 -23.86 -22.08
N ASN B 85 -10.70 -23.48 -22.68
CA ASN B 85 -11.61 -22.47 -22.13
C ASN B 85 -12.86 -23.08 -21.52
N LEU B 86 -12.77 -24.35 -21.11
CA LEU B 86 -13.85 -25.01 -20.35
C LEU B 86 -13.25 -25.57 -19.07
N VAL B 87 -14.05 -25.67 -17.98
CA VAL B 87 -13.56 -26.21 -16.70
C VAL B 87 -13.28 -27.67 -16.86
N GLU B 88 -12.31 -28.18 -16.09
CA GLU B 88 -11.93 -29.57 -16.18
C GLU B 88 -12.50 -30.41 -15.05
N LEU B 89 -13.29 -31.43 -15.41
CA LEU B 89 -13.84 -32.41 -14.50
C LEU B 89 -12.72 -33.42 -14.23
N LEU B 90 -12.46 -33.69 -12.95
CA LEU B 90 -11.45 -34.66 -12.53
C LEU B 90 -12.08 -35.98 -12.19
N GLY B 91 -13.15 -35.96 -11.39
CA GLY B 91 -13.83 -37.14 -10.91
C GLY B 91 -15.24 -36.90 -10.47
N PHE B 92 -15.88 -37.97 -9.97
CA PHE B 92 -17.26 -38.04 -9.50
C PHE B 92 -17.36 -39.02 -8.30
N SER B 93 -18.56 -39.14 -7.70
CA SER B 93 -18.85 -39.99 -6.54
C SER B 93 -20.32 -40.44 -6.56
N SER B 94 -20.54 -41.76 -6.58
CA SER B 94 -21.88 -42.37 -6.63
C SER B 94 -22.21 -43.23 -5.40
N ASP B 95 -21.16 -43.77 -4.73
CA ASP B 95 -21.24 -44.66 -3.56
C ASP B 95 -22.05 -44.15 -2.36
N GLY B 96 -21.78 -42.92 -1.89
CA GLY B 96 -22.46 -42.34 -0.71
C GLY B 96 -23.88 -41.86 -0.94
N ASP B 97 -24.38 -41.05 0.02
CA ASP B 97 -25.74 -40.49 -0.01
C ASP B 97 -25.96 -39.60 -1.23
N ASP B 98 -25.18 -38.50 -1.31
CA ASP B 98 -25.28 -37.54 -2.41
C ASP B 98 -24.26 -37.78 -3.53
N LEU B 99 -24.65 -37.38 -4.76
CA LEU B 99 -23.81 -37.51 -5.96
C LEU B 99 -22.92 -36.27 -6.05
N CYS B 100 -21.62 -36.48 -6.28
CA CYS B 100 -20.63 -35.39 -6.34
C CYS B 100 -19.88 -35.28 -7.68
N LEU B 101 -19.45 -34.05 -8.03
CA LEU B 101 -18.63 -33.78 -9.23
C LEU B 101 -17.39 -33.01 -8.79
N VAL B 102 -16.21 -33.54 -9.14
CA VAL B 102 -14.93 -32.95 -8.76
C VAL B 102 -14.30 -32.23 -9.95
N TYR B 103 -13.83 -31.01 -9.76
CA TYR B 103 -13.20 -30.19 -10.80
C TYR B 103 -11.88 -29.65 -10.36
N VAL B 104 -11.06 -29.24 -11.35
CA VAL B 104 -9.79 -28.56 -11.08
C VAL B 104 -10.22 -27.18 -10.51
N TYR B 105 -9.62 -26.80 -9.38
CA TYR B 105 -9.84 -25.54 -8.69
C TYR B 105 -9.37 -24.37 -9.53
N MET B 106 -10.26 -23.40 -9.71
CA MET B 106 -9.96 -22.18 -10.43
C MET B 106 -9.56 -21.14 -9.37
N PRO B 107 -8.22 -20.96 -9.16
CA PRO B 107 -7.60 -20.10 -8.14
C PRO B 107 -8.06 -18.64 -8.09
N ASN B 108 -8.53 -18.12 -9.24
CA ASN B 108 -9.00 -16.75 -9.36
C ASN B 108 -10.49 -16.52 -9.34
N GLY B 109 -11.26 -17.58 -9.02
CA GLY B 109 -12.71 -17.53 -8.90
C GLY B 109 -13.42 -17.16 -10.17
N SER B 110 -14.62 -16.59 -10.03
CA SER B 110 -15.46 -16.21 -11.15
C SER B 110 -15.19 -14.79 -11.62
N LEU B 111 -15.55 -14.51 -12.87
CA LEU B 111 -15.46 -13.20 -13.49
C LEU B 111 -16.31 -12.21 -12.68
N LEU B 112 -17.46 -12.68 -12.16
CA LEU B 112 -18.37 -11.89 -11.33
C LEU B 112 -17.64 -11.35 -10.11
N ASP B 113 -16.98 -12.25 -9.36
CA ASP B 113 -16.21 -11.93 -8.15
C ASP B 113 -15.07 -10.92 -8.47
N ARG B 114 -14.39 -11.12 -9.60
CA ARG B 114 -13.27 -10.25 -9.98
C ARG B 114 -13.72 -8.87 -10.46
N LEU B 115 -14.89 -8.79 -11.15
CA LEU B 115 -15.43 -7.50 -11.57
C LEU B 115 -15.96 -6.72 -10.33
N SER B 116 -16.35 -7.44 -9.27
CA SER B 116 -16.85 -6.84 -8.04
C SER B 116 -15.78 -6.68 -6.96
N CYS B 117 -14.52 -7.08 -7.29
CA CYS B 117 -13.34 -7.00 -6.42
C CYS B 117 -13.56 -7.66 -5.08
N LEU B 118 -14.25 -8.80 -5.13
CA LEU B 118 -14.58 -9.62 -3.98
C LEU B 118 -13.32 -10.03 -3.21
N ASP B 119 -13.39 -9.93 -1.88
CA ASP B 119 -12.30 -10.25 -0.95
C ASP B 119 -11.01 -9.43 -1.11
N GLY B 120 -11.13 -8.22 -1.65
CA GLY B 120 -9.98 -7.32 -1.75
C GLY B 120 -9.10 -7.51 -2.94
N THR B 121 -9.56 -8.29 -3.93
CA THR B 121 -8.74 -8.49 -5.12
C THR B 121 -8.73 -7.18 -5.93
N PRO B 122 -7.58 -6.83 -6.56
CA PRO B 122 -7.49 -5.60 -7.36
C PRO B 122 -8.41 -5.66 -8.60
N PRO B 123 -8.91 -4.51 -9.06
CA PRO B 123 -9.78 -4.53 -10.27
C PRO B 123 -9.04 -5.06 -11.46
N LEU B 124 -9.75 -5.71 -12.39
CA LEU B 124 -9.14 -6.27 -13.59
C LEU B 124 -8.83 -5.17 -14.57
N SER B 125 -7.63 -5.22 -15.15
CA SER B 125 -7.26 -4.24 -16.17
C SER B 125 -8.10 -4.52 -17.44
N TRP B 126 -8.22 -3.52 -18.32
CA TRP B 126 -8.90 -3.65 -19.59
C TRP B 126 -8.21 -4.73 -20.43
N HIS B 127 -6.87 -4.78 -20.35
CA HIS B 127 -6.09 -5.80 -21.05
C HIS B 127 -6.50 -7.23 -20.62
N MET B 128 -6.64 -7.47 -19.30
CA MET B 128 -7.12 -8.76 -18.80
C MET B 128 -8.56 -9.08 -19.26
N ARG B 129 -9.42 -8.07 -19.19
CA ARG B 129 -10.81 -8.10 -19.60
C ARG B 129 -11.00 -8.51 -21.07
N CYS B 130 -10.14 -8.00 -22.00
CA CYS B 130 -10.15 -8.34 -23.42
C CYS B 130 -9.77 -9.81 -23.59
N LYS B 131 -8.76 -10.26 -22.84
CA LYS B 131 -8.29 -11.66 -22.85
C LYS B 131 -9.40 -12.63 -22.38
N ILE B 132 -10.09 -12.27 -21.31
CA ILE B 132 -11.20 -13.06 -20.72
C ILE B 132 -12.38 -13.16 -21.68
N ALA B 133 -12.73 -12.06 -22.37
CA ALA B 133 -13.80 -12.02 -23.37
C ALA B 133 -13.48 -12.96 -24.54
N GLN B 134 -12.23 -12.91 -25.05
CA GLN B 134 -11.75 -13.77 -26.15
C GLN B 134 -11.77 -15.23 -25.75
N GLY B 135 -11.26 -15.54 -24.55
CA GLY B 135 -11.22 -16.89 -23.98
C GLY B 135 -12.61 -17.46 -23.81
N ALA B 136 -13.57 -16.69 -23.26
CA ALA B 136 -14.96 -17.13 -23.06
C ALA B 136 -15.65 -17.41 -24.41
N ALA B 137 -15.35 -16.59 -25.45
CA ALA B 137 -15.87 -16.75 -26.80
C ALA B 137 -15.31 -18.03 -27.44
N ASN B 138 -14.03 -18.38 -27.16
CA ASN B 138 -13.42 -19.62 -27.68
C ASN B 138 -14.07 -20.83 -27.01
N GLY B 139 -14.48 -20.70 -25.73
CA GLY B 139 -15.16 -21.75 -24.98
C GLY B 139 -16.56 -22.00 -25.51
N ILE B 140 -17.33 -20.91 -25.76
CA ILE B 140 -18.68 -20.98 -26.31
C ILE B 140 -18.63 -21.56 -27.74
N ASN B 141 -17.59 -21.21 -28.52
CA ASN B 141 -17.41 -21.70 -29.87
C ASN B 141 -17.23 -23.21 -29.85
N PHE B 142 -16.38 -23.73 -28.91
CA PHE B 142 -16.16 -25.16 -28.75
C PHE B 142 -17.46 -25.91 -28.47
N LEU B 143 -18.31 -25.37 -27.59
CA LEU B 143 -19.58 -26.00 -27.25
C LEU B 143 -20.53 -26.01 -28.43
N HIS B 144 -20.60 -24.90 -29.19
CA HIS B 144 -21.47 -24.78 -30.37
C HIS B 144 -20.99 -25.66 -31.54
N GLU B 145 -19.66 -25.69 -31.81
CA GLU B 145 -19.04 -26.53 -32.83
C GLU B 145 -19.36 -28.00 -32.56
N ASN B 146 -19.51 -28.37 -31.29
CA ASN B 146 -19.81 -29.70 -30.78
C ASN B 146 -21.29 -29.91 -30.45
N HIS B 147 -22.16 -29.05 -31.02
CA HIS B 147 -23.61 -29.10 -30.90
C HIS B 147 -24.18 -29.13 -29.48
N HIS B 148 -23.65 -28.26 -28.62
CA HIS B 148 -24.09 -28.09 -27.23
C HIS B 148 -24.54 -26.65 -27.00
N ILE B 149 -25.65 -26.49 -26.27
CA ILE B 149 -26.20 -25.20 -25.86
C ILE B 149 -25.98 -25.15 -24.34
N HIS B 150 -25.29 -24.10 -23.86
CA HIS B 150 -24.98 -23.97 -22.44
C HIS B 150 -26.22 -23.69 -21.59
N ARG B 151 -27.06 -22.72 -22.04
CA ARG B 151 -28.34 -22.30 -21.42
C ARG B 151 -28.21 -21.44 -20.16
N ASP B 152 -26.97 -21.18 -19.70
CA ASP B 152 -26.70 -20.36 -18.51
C ASP B 152 -25.35 -19.61 -18.58
N ILE B 153 -25.08 -18.97 -19.73
CA ILE B 153 -23.90 -18.13 -19.91
C ILE B 153 -24.11 -16.85 -19.07
N LYS B 154 -23.24 -16.67 -18.07
CA LYS B 154 -23.25 -15.54 -17.16
C LYS B 154 -21.87 -15.43 -16.55
N SER B 155 -21.54 -14.22 -16.05
CA SER B 155 -20.26 -13.90 -15.46
C SER B 155 -19.87 -14.75 -14.23
N ALA B 156 -20.86 -15.27 -13.52
CA ALA B 156 -20.65 -16.15 -12.34
C ALA B 156 -20.27 -17.57 -12.80
N ASN B 157 -20.48 -17.89 -14.11
CA ASN B 157 -20.16 -19.19 -14.72
C ASN B 157 -18.90 -19.16 -15.56
N ILE B 158 -18.20 -18.00 -15.65
CA ILE B 158 -16.91 -17.89 -16.32
C ILE B 158 -15.89 -17.84 -15.17
N LEU B 159 -15.12 -18.92 -15.03
CA LEU B 159 -14.13 -19.06 -13.99
C LEU B 159 -12.76 -18.68 -14.52
N LEU B 160 -11.87 -18.22 -13.62
CA LEU B 160 -10.53 -17.77 -14.03
C LEU B 160 -9.44 -18.60 -13.38
N ASP B 161 -8.55 -19.15 -14.17
CA ASP B 161 -7.46 -19.95 -13.62
C ASP B 161 -6.27 -19.13 -13.12
N GLU B 162 -5.16 -19.81 -12.82
CA GLU B 162 -3.89 -19.24 -12.32
C GLU B 162 -3.26 -18.18 -13.25
N ALA B 163 -3.75 -18.07 -14.49
CA ALA B 163 -3.28 -17.13 -15.50
C ALA B 163 -4.39 -16.20 -16.00
N PHE B 164 -5.53 -16.16 -15.27
CA PHE B 164 -6.74 -15.41 -15.62
C PHE B 164 -7.32 -15.84 -16.95
N THR B 165 -7.12 -17.13 -17.27
CA THR B 165 -7.68 -17.78 -18.43
C THR B 165 -9.15 -18.05 -18.10
N ALA B 166 -10.07 -17.63 -19.02
CA ALA B 166 -11.50 -17.81 -18.92
C ALA B 166 -11.85 -19.27 -19.14
N LYS B 167 -12.65 -19.85 -18.24
CA LYS B 167 -13.08 -21.24 -18.30
C LYS B 167 -14.57 -21.28 -18.01
N ILE B 168 -15.37 -21.66 -19.03
CA ILE B 168 -16.82 -21.81 -18.89
C ILE B 168 -17.09 -23.00 -17.95
N SER B 169 -18.01 -22.83 -17.00
CA SER B 169 -18.44 -23.86 -16.04
C SER B 169 -19.95 -24.03 -16.10
N ASP B 170 -20.49 -25.01 -15.34
CA ASP B 170 -21.93 -25.34 -15.22
C ASP B 170 -22.60 -25.85 -16.49
N PHE B 171 -22.50 -27.17 -16.70
CA PHE B 171 -23.06 -27.85 -17.85
C PHE B 171 -24.25 -28.77 -17.47
N GLY B 172 -24.81 -28.57 -16.26
CA GLY B 172 -25.95 -29.33 -15.72
C GLY B 172 -27.21 -29.10 -16.57
N LEU B 173 -27.42 -27.85 -17.03
CA LEU B 173 -28.54 -27.42 -17.86
C LEU B 173 -28.23 -27.54 -19.37
N ALA B 174 -26.98 -27.89 -19.73
CA ALA B 174 -26.60 -27.99 -21.14
C ALA B 174 -27.43 -28.98 -21.97
N ARG B 175 -27.71 -28.61 -23.25
CA ARG B 175 -28.49 -29.40 -24.20
C ARG B 175 -27.75 -29.61 -25.50
CA GLN B 182 -33.28 -27.09 -35.19
C GLN B 182 -33.67 -26.50 -33.83
N TPO B 183 -34.53 -25.46 -33.84
CA TPO B 183 -34.97 -24.80 -32.61
CB TPO B 183 -35.16 -23.27 -32.65
CG2 TPO B 183 -35.64 -22.76 -31.28
OG1 TPO B 183 -33.87 -22.71 -32.86
P TPO B 183 -33.71 -22.04 -34.25
O1P TPO B 183 -32.28 -21.41 -34.23
O2P TPO B 183 -34.80 -21.00 -34.51
O3P TPO B 183 -33.81 -23.05 -35.41
C TPO B 183 -36.04 -25.58 -31.88
O TPO B 183 -37.17 -25.72 -32.35
N VAL B 184 -35.67 -26.08 -30.67
CA VAL B 184 -36.49 -26.86 -29.75
C VAL B 184 -37.29 -25.92 -28.83
N MET B 185 -38.31 -26.46 -28.14
CA MET B 185 -39.13 -25.77 -27.15
C MET B 185 -39.15 -26.61 -25.87
N TPO B 186 -39.38 -25.97 -24.72
CA TPO B 186 -39.40 -26.69 -23.44
CB TPO B 186 -38.02 -26.79 -22.71
CG2 TPO B 186 -37.49 -25.40 -22.29
OG1 TPO B 186 -38.06 -27.64 -21.51
P TPO B 186 -37.74 -29.15 -21.70
O1P TPO B 186 -36.98 -29.61 -20.45
O2P TPO B 186 -39.11 -29.85 -21.68
O3P TPO B 186 -36.91 -29.53 -22.94
C TPO B 186 -40.44 -26.13 -22.49
O TPO B 186 -40.78 -24.95 -22.54
N SEP B 187 -40.97 -26.98 -21.61
CA SEP B 187 -41.95 -26.58 -20.62
CB SEP B 187 -42.97 -27.68 -20.39
OG SEP B 187 -42.30 -28.91 -20.07
C SEP B 187 -41.23 -26.16 -19.33
O SEP B 187 -41.85 -25.52 -18.47
P SEP B 187 -43.35 -30.05 -20.08
O1P SEP B 187 -44.49 -29.74 -19.07
O2P SEP B 187 -42.58 -31.31 -19.62
O3P SEP B 187 -43.95 -30.24 -21.52
N ARG B 188 -39.94 -26.52 -19.20
CA ARG B 188 -39.09 -26.18 -18.07
C ARG B 188 -38.07 -25.09 -18.47
N ILE B 189 -38.45 -23.82 -18.22
CA ILE B 189 -37.62 -22.65 -18.53
C ILE B 189 -36.60 -22.46 -17.41
N VAL B 190 -35.32 -22.64 -17.77
CA VAL B 190 -34.16 -22.53 -16.87
C VAL B 190 -33.14 -21.49 -17.37
N GLY B 191 -32.40 -20.90 -16.43
CA GLY B 191 -31.40 -19.87 -16.71
C GLY B 191 -31.52 -18.73 -15.71
N THR B 192 -30.74 -17.65 -15.94
CA THR B 192 -30.72 -16.45 -15.11
C THR B 192 -31.33 -15.33 -15.93
N THR B 193 -32.52 -14.92 -15.51
CA THR B 193 -33.40 -13.93 -16.13
C THR B 193 -32.68 -12.71 -16.74
N ALA B 194 -31.75 -12.10 -15.96
CA ALA B 194 -31.01 -10.90 -16.34
C ALA B 194 -30.07 -11.09 -17.51
N TYR B 195 -29.76 -12.36 -17.84
CA TYR B 195 -28.89 -12.75 -18.94
C TYR B 195 -29.66 -13.39 -20.07
N MET B 196 -30.91 -13.79 -19.84
CA MET B 196 -31.72 -14.52 -20.80
C MET B 196 -32.27 -13.73 -21.94
N ALA B 197 -32.19 -14.34 -23.16
CA ALA B 197 -32.74 -13.81 -24.41
C ALA B 197 -34.27 -13.89 -24.36
N PRO B 198 -35.00 -13.03 -25.10
CA PRO B 198 -36.47 -13.09 -25.05
C PRO B 198 -37.05 -14.49 -25.41
N GLU B 199 -36.54 -15.14 -26.48
CA GLU B 199 -36.99 -16.47 -26.86
C GLU B 199 -36.73 -17.56 -25.82
N ALA B 200 -35.58 -17.48 -25.12
CA ALA B 200 -35.20 -18.41 -24.06
C ALA B 200 -36.15 -18.29 -22.88
N LEU B 201 -36.63 -17.04 -22.58
CA LEU B 201 -37.57 -16.80 -21.49
C LEU B 201 -38.95 -17.37 -21.82
N ARG B 202 -39.22 -17.59 -23.11
CA ARG B 202 -40.46 -18.12 -23.67
C ARG B 202 -40.43 -19.64 -23.92
N GLY B 203 -39.28 -20.30 -23.66
CA GLY B 203 -39.19 -21.74 -23.77
C GLY B 203 -38.37 -22.27 -24.90
N GLU B 204 -37.90 -21.41 -25.81
CA GLU B 204 -37.06 -21.84 -26.93
C GLU B 204 -35.70 -22.27 -26.47
N ILE B 205 -35.12 -23.25 -27.16
CA ILE B 205 -33.76 -23.77 -26.92
C ILE B 205 -33.00 -23.64 -28.23
N THR B 206 -32.09 -22.66 -28.27
CA THR B 206 -31.26 -22.35 -29.43
C THR B 206 -29.88 -21.83 -28.96
N PRO B 207 -28.78 -22.10 -29.76
CA PRO B 207 -27.46 -21.56 -29.44
C PRO B 207 -27.48 -20.03 -29.50
N LYS B 208 -28.41 -19.46 -30.28
CA LYS B 208 -28.61 -18.01 -30.46
C LYS B 208 -28.90 -17.30 -29.15
N SER B 209 -29.44 -18.03 -28.17
CA SER B 209 -29.73 -17.49 -26.86
C SER B 209 -28.43 -17.37 -26.04
N ASP B 210 -27.44 -18.26 -26.30
CA ASP B 210 -26.15 -18.26 -25.63
C ASP B 210 -25.38 -16.98 -25.99
N ILE B 211 -25.52 -16.55 -27.26
CA ILE B 211 -24.93 -15.35 -27.85
C ILE B 211 -25.49 -14.11 -27.15
N TYR B 212 -26.80 -14.05 -26.92
CA TYR B 212 -27.46 -12.93 -26.24
C TYR B 212 -26.87 -12.75 -24.84
N SER B 213 -26.85 -13.84 -24.03
CA SER B 213 -26.29 -13.93 -22.68
C SER B 213 -24.83 -13.46 -22.68
N PHE B 214 -24.06 -13.88 -23.69
CA PHE B 214 -22.67 -13.46 -23.82
C PHE B 214 -22.58 -11.93 -23.98
N GLY B 215 -23.58 -11.31 -24.65
CA GLY B 215 -23.67 -9.87 -24.85
C GLY B 215 -23.82 -9.17 -23.50
N VAL B 216 -24.64 -9.71 -22.59
CA VAL B 216 -24.82 -9.17 -21.24
C VAL B 216 -23.47 -9.24 -20.50
N VAL B 217 -22.73 -10.36 -20.66
CA VAL B 217 -21.41 -10.62 -20.05
C VAL B 217 -20.40 -9.56 -20.54
N LEU B 218 -20.41 -9.23 -21.83
CA LEU B 218 -19.54 -8.19 -22.39
C LEU B 218 -19.86 -6.82 -21.80
N LEU B 219 -21.12 -6.56 -21.47
CA LEU B 219 -21.59 -5.32 -20.87
C LEU B 219 -21.10 -5.24 -19.42
N GLU B 220 -21.14 -6.38 -18.70
CA GLU B 220 -20.57 -6.49 -17.35
C GLU B 220 -19.06 -6.22 -17.38
N ILE B 221 -18.33 -6.79 -18.38
CA ILE B 221 -16.88 -6.58 -18.56
C ILE B 221 -16.54 -5.09 -18.77
N ILE B 222 -17.29 -4.39 -19.67
CA ILE B 222 -17.11 -2.96 -19.97
C ILE B 222 -17.36 -2.04 -18.75
N THR B 223 -18.50 -2.28 -18.07
CA THR B 223 -19.06 -1.50 -16.99
C THR B 223 -18.68 -1.89 -15.57
N GLY B 224 -18.44 -3.18 -15.29
CA GLY B 224 -18.14 -3.67 -13.93
C GLY B 224 -19.42 -3.70 -13.08
N LEU B 225 -20.60 -3.43 -13.71
CA LEU B 225 -21.94 -3.40 -13.13
C LEU B 225 -22.59 -4.79 -13.23
N PRO B 226 -23.32 -5.23 -12.19
CA PRO B 226 -23.98 -6.54 -12.28
C PRO B 226 -25.18 -6.47 -13.25
N ALA B 227 -25.49 -7.58 -13.94
CA ALA B 227 -26.61 -7.67 -14.90
C ALA B 227 -27.97 -7.20 -14.32
N VAL B 228 -28.15 -7.39 -13.01
CA VAL B 228 -29.35 -6.92 -12.30
C VAL B 228 -28.99 -6.29 -10.94
N ASP B 229 -29.54 -5.10 -10.69
CA ASP B 229 -29.36 -4.39 -9.43
C ASP B 229 -30.70 -3.76 -9.05
N GLU B 230 -31.27 -4.23 -7.92
CA GLU B 230 -32.54 -3.73 -7.36
C GLU B 230 -32.51 -2.20 -7.17
N HIS B 231 -31.41 -1.70 -6.58
CA HIS B 231 -31.16 -0.29 -6.30
C HIS B 231 -30.40 0.36 -7.50
N ARG B 232 -31.02 0.41 -8.72
CA ARG B 232 -30.40 1.01 -9.94
C ARG B 232 -31.38 1.36 -11.06
N GLU B 233 -31.02 2.34 -11.90
CA GLU B 233 -31.79 2.77 -13.08
C GLU B 233 -30.85 2.85 -14.33
N PRO B 234 -31.00 1.92 -15.30
CA PRO B 234 -31.98 0.81 -15.35
C PRO B 234 -31.57 -0.35 -14.44
N GLN B 235 -32.55 -1.12 -13.95
CA GLN B 235 -32.28 -2.25 -13.07
C GLN B 235 -31.57 -3.39 -13.83
N LEU B 236 -31.85 -3.52 -15.14
CA LEU B 236 -31.23 -4.53 -16.00
C LEU B 236 -30.22 -3.90 -16.88
N LEU B 237 -28.96 -4.36 -16.74
CA LEU B 237 -27.83 -3.86 -17.50
C LEU B 237 -28.09 -3.76 -19.01
N LEU B 238 -28.70 -4.80 -19.64
CA LEU B 238 -29.00 -4.85 -21.08
C LEU B 238 -29.77 -3.67 -21.62
N ASP B 239 -30.50 -2.95 -20.73
CA ASP B 239 -31.29 -1.78 -21.09
C ASP B 239 -30.44 -0.56 -21.46
N ILE B 240 -29.15 -0.56 -21.05
CA ILE B 240 -28.14 0.47 -21.33
C ILE B 240 -27.90 0.60 -22.84
N LYS B 241 -28.15 -0.48 -23.61
CA LYS B 241 -28.03 -0.52 -25.07
C LYS B 241 -28.98 0.54 -25.64
N GLU B 242 -30.20 0.64 -25.03
CA GLU B 242 -31.25 1.56 -25.43
C GLU B 242 -30.91 3.02 -25.09
N GLU B 243 -30.34 3.25 -23.89
CA GLU B 243 -29.90 4.58 -23.43
C GLU B 243 -28.81 5.14 -24.37
N ILE B 244 -27.95 4.26 -24.88
CA ILE B 244 -26.89 4.65 -25.78
C ILE B 244 -27.46 4.86 -27.19
N GLU B 245 -28.39 3.97 -27.66
CA GLU B 245 -29.03 4.07 -28.98
C GLU B 245 -29.92 5.33 -29.08
N ASP B 246 -30.59 5.71 -27.97
CA ASP B 246 -31.44 6.91 -27.91
C ASP B 246 -30.62 8.16 -27.59
N GLU B 247 -29.27 8.06 -27.74
CA GLU B 247 -28.24 9.10 -27.55
C GLU B 247 -28.33 9.88 -26.21
N GLU B 248 -29.11 9.34 -25.24
CA GLU B 248 -29.30 9.91 -23.92
C GLU B 248 -27.95 9.87 -23.18
N LYS B 249 -27.21 8.76 -23.36
CA LYS B 249 -25.89 8.52 -22.76
C LYS B 249 -24.99 7.87 -23.81
N THR B 250 -23.69 7.76 -23.49
CA THR B 250 -22.68 7.11 -24.34
C THR B 250 -22.03 5.95 -23.58
N ILE B 251 -21.36 5.03 -24.31
CA ILE B 251 -20.69 3.90 -23.65
C ILE B 251 -19.57 4.37 -22.70
N GLU B 252 -18.90 5.48 -23.06
CA GLU B 252 -17.87 6.13 -22.26
C GLU B 252 -18.35 6.52 -20.88
N ASP B 253 -19.64 6.86 -20.74
CA ASP B 253 -20.26 7.20 -19.45
C ASP B 253 -20.46 5.94 -18.60
N TYR B 254 -20.48 4.75 -19.25
CA TYR B 254 -20.71 3.49 -18.56
C TYR B 254 -19.47 2.67 -18.24
N ILE B 255 -18.32 3.00 -18.89
CA ILE B 255 -17.01 2.36 -18.69
C ILE B 255 -16.67 2.31 -17.21
N ASP B 256 -16.26 1.12 -16.74
CA ASP B 256 -15.87 0.88 -15.35
C ASP B 256 -14.76 1.87 -14.99
N LYS B 257 -15.02 2.68 -13.95
CA LYS B 257 -14.08 3.69 -13.46
C LYS B 257 -12.89 3.05 -12.75
N LYS B 258 -13.00 1.75 -12.37
CA LYS B 258 -11.96 0.97 -11.69
C LYS B 258 -10.85 0.47 -12.65
N MET B 259 -10.68 1.14 -13.80
CA MET B 259 -9.70 0.81 -14.83
C MET B 259 -8.88 2.05 -15.10
N ASN B 260 -7.58 1.86 -15.39
CA ASN B 260 -6.70 2.99 -15.79
C ASN B 260 -6.23 2.81 -17.25
N ASP B 261 -6.45 1.62 -17.87
CA ASP B 261 -5.97 1.24 -19.19
C ASP B 261 -7.01 1.04 -20.31
N ALA B 262 -8.25 1.47 -20.11
CA ALA B 262 -9.26 1.25 -21.14
C ALA B 262 -9.28 2.32 -22.22
N ASP B 263 -8.94 1.98 -23.48
CA ASP B 263 -9.00 2.97 -24.55
C ASP B 263 -10.37 2.92 -25.23
N SER B 264 -10.87 4.10 -25.65
CA SER B 264 -12.15 4.29 -26.32
C SER B 264 -12.38 3.40 -27.53
N THR B 265 -11.35 3.24 -28.37
CA THR B 265 -11.44 2.46 -29.60
C THR B 265 -11.78 0.99 -29.31
N SER B 266 -11.01 0.32 -28.42
CA SER B 266 -11.25 -1.07 -28.07
C SER B 266 -12.55 -1.25 -27.26
N VAL B 267 -12.87 -0.30 -26.36
CA VAL B 267 -14.13 -0.33 -25.59
C VAL B 267 -15.33 -0.29 -26.55
N GLU B 268 -15.35 0.68 -27.49
CA GLU B 268 -16.40 0.80 -28.51
C GLU B 268 -16.46 -0.43 -29.40
N ALA B 269 -15.31 -1.02 -29.74
CA ALA B 269 -15.25 -2.25 -30.54
C ALA B 269 -15.92 -3.43 -29.78
N MET B 270 -15.69 -3.55 -28.44
CA MET B 270 -16.31 -4.59 -27.62
C MET B 270 -17.79 -4.33 -27.48
N TYR B 271 -18.18 -3.05 -27.28
CA TYR B 271 -19.57 -2.63 -27.16
C TYR B 271 -20.34 -2.97 -28.43
N SER B 272 -19.73 -2.77 -29.59
CA SER B 272 -20.33 -3.06 -30.89
C SER B 272 -20.70 -4.55 -30.94
N VAL B 273 -19.78 -5.44 -30.51
CA VAL B 273 -20.01 -6.88 -30.44
C VAL B 273 -21.19 -7.15 -29.50
N ALA B 274 -21.16 -6.57 -28.29
CA ALA B 274 -22.21 -6.73 -27.28
C ALA B 274 -23.56 -6.30 -27.84
N SER B 275 -23.60 -5.10 -28.49
CA SER B 275 -24.79 -4.54 -29.13
C SER B 275 -25.36 -5.54 -30.15
N GLN B 276 -24.50 -6.10 -31.04
CA GLN B 276 -24.91 -7.09 -32.02
C GLN B 276 -25.46 -8.35 -31.38
N CYS B 277 -24.81 -8.83 -30.29
CA CYS B 277 -25.20 -10.01 -29.51
C CYS B 277 -26.56 -9.83 -28.92
N LEU B 278 -26.84 -8.61 -28.47
CA LEU B 278 -28.08 -8.22 -27.80
C LEU B 278 -29.23 -7.83 -28.69
N HIS B 279 -29.19 -8.23 -29.96
CA HIS B 279 -30.30 -8.00 -30.89
C HIS B 279 -31.46 -8.84 -30.35
N GLU B 280 -32.65 -8.24 -30.23
CA GLU B 280 -33.82 -8.95 -29.71
C GLU B 280 -34.34 -10.08 -30.62
N LYS B 281 -34.02 -9.99 -31.93
CA LYS B 281 -34.38 -10.98 -32.93
C LYS B 281 -33.25 -11.98 -33.08
N LYS B 282 -33.43 -13.20 -32.53
CA LYS B 282 -32.45 -14.28 -32.58
C LYS B 282 -31.67 -14.46 -33.89
N ASN B 283 -32.36 -14.31 -35.05
CA ASN B 283 -31.76 -14.49 -36.39
C ASN B 283 -30.88 -13.34 -36.86
N LYS B 284 -31.04 -12.17 -36.23
CA LYS B 284 -30.25 -10.97 -36.52
C LYS B 284 -28.90 -10.99 -35.78
N ARG B 285 -28.80 -11.78 -34.70
CA ARG B 285 -27.59 -11.95 -33.88
C ARG B 285 -26.44 -12.59 -34.66
N PRO B 286 -25.18 -12.21 -34.35
CA PRO B 286 -24.05 -12.90 -35.02
C PRO B 286 -23.87 -14.29 -34.39
N ASP B 287 -23.28 -15.24 -35.13
CA ASP B 287 -23.03 -16.55 -34.54
C ASP B 287 -21.74 -16.45 -33.68
N ILE B 288 -21.40 -17.49 -32.91
CA ILE B 288 -20.18 -17.46 -32.09
C ILE B 288 -18.89 -17.23 -32.88
N LYS B 289 -18.78 -17.82 -34.09
CA LYS B 289 -17.60 -17.68 -34.96
C LYS B 289 -17.38 -16.21 -35.35
N LYS B 290 -18.47 -15.47 -35.60
CA LYS B 290 -18.39 -14.05 -35.93
C LYS B 290 -17.98 -13.27 -34.68
N VAL B 291 -18.57 -13.59 -33.51
CA VAL B 291 -18.28 -12.96 -32.21
C VAL B 291 -16.78 -13.11 -31.91
N GLN B 292 -16.25 -14.33 -32.12
CA GLN B 292 -14.86 -14.71 -31.93
C GLN B 292 -13.95 -13.85 -32.83
N GLN B 293 -14.31 -13.72 -34.14
CA GLN B 293 -13.56 -12.93 -35.15
C GLN B 293 -13.45 -11.49 -34.72
N LEU B 294 -14.61 -10.87 -34.42
CA LEU B 294 -14.73 -9.49 -33.99
C LEU B 294 -13.93 -9.18 -32.72
N LEU B 295 -13.91 -10.12 -31.76
CA LEU B 295 -13.18 -9.97 -30.49
C LEU B 295 -11.67 -10.02 -30.74
N GLN B 296 -11.23 -10.84 -31.70
CA GLN B 296 -9.84 -10.94 -32.11
C GLN B 296 -9.38 -9.67 -32.82
N GLU B 297 -10.24 -9.09 -33.70
CA GLU B 297 -10.00 -7.86 -34.46
C GLU B 297 -9.84 -6.67 -33.54
N MET B 298 -10.49 -6.72 -32.37
CA MET B 298 -10.49 -5.70 -31.32
C MET B 298 -9.09 -5.53 -30.70
N THR B 299 -8.36 -6.64 -30.52
CA THR B 299 -7.00 -6.59 -29.96
C THR B 299 -5.91 -6.55 -31.04
N ALA B 300 -6.27 -6.86 -32.31
CA ALA B 300 -5.39 -6.90 -33.49
C ALA B 300 -4.69 -5.57 -33.80
CA ARG C 5 5.75 31.19 7.48
C ARG C 5 5.77 30.46 6.14
N PHE C 6 4.75 30.72 5.32
CA PHE C 6 4.58 30.13 3.98
C PHE C 6 5.35 30.89 2.92
N HIS C 7 5.65 30.20 1.81
CA HIS C 7 6.37 30.82 0.71
C HIS C 7 5.43 31.64 -0.16
N SER C 8 5.80 32.90 -0.40
CA SER C 8 5.03 33.78 -1.27
C SER C 8 5.49 33.49 -2.70
N PHE C 9 4.62 32.86 -3.48
CA PHE C 9 4.92 32.53 -4.86
C PHE C 9 4.43 33.62 -5.80
N SER C 10 5.11 33.80 -6.92
CA SER C 10 4.60 34.67 -7.96
C SER C 10 3.73 33.69 -8.76
N PHE C 11 2.77 34.21 -9.51
CA PHE C 11 1.88 33.40 -10.35
C PHE C 11 2.68 32.77 -11.50
N TYR C 12 3.73 33.50 -11.96
CA TYR C 12 4.65 33.08 -13.03
C TYR C 12 5.52 31.93 -12.54
N GLU C 13 5.95 31.95 -11.26
CA GLU C 13 6.72 30.86 -10.65
C GLU C 13 5.87 29.57 -10.71
N LEU C 14 4.56 29.69 -10.35
CA LEU C 14 3.59 28.58 -10.38
C LEU C 14 3.27 28.04 -11.76
N LYS C 15 3.31 28.88 -12.80
CA LYS C 15 3.10 28.47 -14.19
C LYS C 15 4.28 27.54 -14.55
N ASN C 16 5.51 27.90 -14.11
CA ASN C 16 6.73 27.11 -14.30
C ASN C 16 6.75 25.82 -13.46
N VAL C 17 5.94 25.80 -12.38
CA VAL C 17 5.80 24.66 -11.47
C VAL C 17 4.81 23.61 -12.06
N THR C 18 3.73 24.09 -12.71
CA THR C 18 2.62 23.28 -13.21
C THR C 18 2.46 23.12 -14.73
N ASN C 19 3.47 23.53 -15.56
CA ASN C 19 3.45 23.54 -17.04
C ASN C 19 2.32 24.43 -17.58
N ASN C 20 2.24 25.66 -17.04
CA ASN C 20 1.22 26.68 -17.34
C ASN C 20 -0.20 26.14 -17.07
N PHE C 21 -0.34 25.40 -15.96
CA PHE C 21 -1.58 24.75 -15.49
C PHE C 21 -2.23 23.87 -16.59
N ASP C 22 -1.53 22.79 -16.96
CA ASP C 22 -1.98 21.81 -17.95
C ASP C 22 -3.20 21.01 -17.40
N GLU C 23 -4.16 20.66 -18.30
CA GLU C 23 -5.43 19.97 -18.00
C GLU C 23 -5.45 18.43 -18.16
N ARG C 24 -4.38 17.82 -18.67
CA ARG C 24 -4.32 16.36 -18.87
C ARG C 24 -4.17 15.56 -17.54
N PRO C 25 -4.87 14.40 -17.42
CA PRO C 25 -4.72 13.52 -16.25
C PRO C 25 -3.32 12.86 -16.23
N ILE C 26 -2.85 12.48 -15.04
CA ILE C 26 -1.54 11.84 -14.85
C ILE C 26 -1.40 10.43 -15.49
N SER C 27 -2.54 9.71 -15.66
CA SER C 27 -2.65 8.36 -16.24
C SER C 27 -1.84 8.17 -17.52
N VAL C 28 -1.90 9.15 -18.42
CA VAL C 28 -1.18 9.18 -19.69
C VAL C 28 -0.03 10.20 -19.61
N GLY C 29 0.00 10.97 -18.52
CA GLY C 29 0.97 12.04 -18.28
C GLY C 29 0.27 13.39 -18.50
N GLY C 30 0.41 14.32 -17.54
CA GLY C 30 -0.18 15.65 -17.57
C GLY C 30 -0.03 16.34 -16.22
N ASN C 31 -0.96 17.26 -15.89
CA ASN C 31 -0.91 18.00 -14.63
C ASN C 31 -2.18 18.02 -13.77
N LYS C 32 -3.39 17.97 -14.38
CA LYS C 32 -4.65 18.01 -13.62
C LYS C 32 -4.83 16.81 -12.68
N MET C 33 -5.32 17.09 -11.45
CA MET C 33 -5.55 16.11 -10.39
C MET C 33 -7.06 15.90 -10.14
N GLY C 34 -7.85 17.00 -10.10
CA GLY C 34 -9.29 16.98 -9.85
C GLY C 34 -9.85 18.37 -9.60
N GLU C 35 -11.14 18.58 -9.90
CA GLU C 35 -11.83 19.87 -9.74
C GLU C 35 -13.16 19.75 -8.98
N GLY C 36 -13.63 20.86 -8.39
CA GLY C 36 -14.88 20.87 -7.66
C GLY C 36 -14.82 21.67 -6.37
N GLY C 37 -13.83 21.35 -5.50
CA GLY C 37 -13.62 21.99 -4.20
C GLY C 37 -13.18 23.45 -4.31
N PHE C 38 -14.08 24.32 -4.84
CA PHE C 38 -13.89 25.76 -5.08
C PHE C 38 -12.62 26.09 -5.90
N GLY C 39 -12.21 25.15 -6.76
CA GLY C 39 -11.05 25.30 -7.61
C GLY C 39 -10.47 23.96 -8.06
N VAL C 40 -9.60 24.01 -9.08
CA VAL C 40 -8.91 22.87 -9.70
C VAL C 40 -7.48 22.66 -9.11
N VAL C 41 -7.07 21.39 -8.95
CA VAL C 41 -5.82 20.94 -8.33
C VAL C 41 -4.87 20.43 -9.39
N TYR C 42 -3.62 20.88 -9.35
CA TYR C 42 -2.60 20.52 -10.33
C TYR C 42 -1.34 19.96 -9.68
N LYS C 43 -0.71 18.99 -10.37
CA LYS C 43 0.54 18.40 -9.91
C LYS C 43 1.68 19.33 -10.32
N GLY C 44 2.62 19.58 -9.40
CA GLY C 44 3.72 20.47 -9.67
C GLY C 44 5.00 19.90 -9.10
N TYR C 45 6.11 20.60 -9.34
CA TYR C 45 7.42 20.19 -8.84
C TYR C 45 8.19 21.44 -8.41
N VAL C 46 8.40 21.62 -7.10
CA VAL C 46 9.21 22.73 -6.57
C VAL C 46 10.49 22.06 -6.10
N ASN C 47 11.47 22.01 -6.99
CA ASN C 47 12.76 21.35 -6.84
C ASN C 47 12.50 19.86 -7.04
N ASN C 48 12.89 18.99 -6.10
CA ASN C 48 12.64 17.56 -6.21
C ASN C 48 11.42 17.12 -5.42
N THR C 49 10.66 18.11 -4.94
CA THR C 49 9.42 17.94 -4.16
C THR C 49 8.17 18.00 -5.05
N THR C 50 7.29 17.01 -4.94
CA THR C 50 6.03 17.01 -5.67
C THR C 50 5.06 17.84 -4.83
N VAL C 51 4.34 18.77 -5.48
CA VAL C 51 3.39 19.64 -4.82
C VAL C 51 2.02 19.57 -5.47
N ALA C 52 1.01 20.14 -4.78
CA ALA C 52 -0.37 20.23 -5.27
C ALA C 52 -0.73 21.71 -5.33
N VAL C 53 -1.12 22.18 -6.50
CA VAL C 53 -1.45 23.60 -6.69
C VAL C 53 -2.94 23.76 -6.95
N LYS C 54 -3.64 24.40 -6.00
CA LYS C 54 -5.07 24.65 -6.10
C LYS C 54 -5.26 26.05 -6.64
N LYS C 55 -5.79 26.15 -7.86
CA LYS C 55 -6.12 27.41 -8.53
C LYS C 55 -7.61 27.66 -8.31
N LEU C 56 -7.95 28.64 -7.45
CA LEU C 56 -9.31 29.02 -7.08
C LEU C 56 -10.14 29.57 -8.24
CA ILE C 62 -19.83 31.91 -5.15
C ILE C 62 -19.35 33.14 -5.92
N THR C 63 -19.16 34.27 -5.21
CA THR C 63 -18.72 35.56 -5.80
C THR C 63 -17.20 35.80 -5.64
N THR C 64 -16.66 36.83 -6.37
CA THR C 64 -15.24 37.22 -6.37
C THR C 64 -14.72 37.53 -4.95
N GLU C 65 -15.55 38.22 -4.14
CA GLU C 65 -15.25 38.57 -2.75
C GLU C 65 -15.29 37.29 -1.88
N GLU C 66 -16.26 36.39 -2.16
CA GLU C 66 -16.44 35.11 -1.44
C GLU C 66 -15.23 34.18 -1.62
N LEU C 67 -14.79 33.99 -2.89
CA LEU C 67 -13.64 33.17 -3.27
C LEU C 67 -12.36 33.65 -2.61
N LYS C 68 -12.17 34.98 -2.49
CA LYS C 68 -11.00 35.52 -1.82
C LYS C 68 -11.02 35.28 -0.31
N GLN C 69 -12.20 35.45 0.35
CA GLN C 69 -12.33 35.22 1.79
C GLN C 69 -12.05 33.78 2.16
N GLN C 70 -12.38 32.84 1.25
CA GLN C 70 -12.12 31.41 1.38
C GLN C 70 -10.62 31.12 1.28
N PHE C 71 -9.90 31.86 0.41
CA PHE C 71 -8.44 31.76 0.23
C PHE C 71 -7.74 32.29 1.50
N ASP C 72 -8.13 33.48 1.98
CA ASP C 72 -7.52 34.10 3.17
C ASP C 72 -7.76 33.30 4.47
N GLN C 73 -8.94 32.67 4.55
CA GLN C 73 -9.38 31.85 5.67
C GLN C 73 -8.55 30.56 5.68
N GLU C 74 -8.37 29.95 4.48
CA GLU C 74 -7.57 28.74 4.24
C GLU C 74 -6.15 28.92 4.81
N ILE C 75 -5.49 30.09 4.57
CA ILE C 75 -4.15 30.44 5.07
C ILE C 75 -4.20 30.71 6.57
N LYS C 76 -5.18 31.50 7.03
CA LYS C 76 -5.31 31.82 8.45
C LYS C 76 -5.37 30.52 9.33
N VAL C 77 -6.19 29.54 8.88
CA VAL C 77 -6.40 28.24 9.49
C VAL C 77 -5.14 27.41 9.39
N MET C 78 -4.48 27.41 8.23
CA MET C 78 -3.23 26.71 8.00
C MET C 78 -2.04 27.29 8.76
N ALA C 79 -2.07 28.60 9.01
CA ALA C 79 -1.01 29.28 9.75
C ALA C 79 -1.00 28.78 11.19
N LYS C 80 -2.21 28.58 11.75
CA LYS C 80 -2.45 28.14 13.12
C LYS C 80 -2.37 26.61 13.26
N CYS C 81 -3.05 25.89 12.36
CA CYS C 81 -3.20 24.45 12.40
C CYS C 81 -2.21 23.64 11.58
N GLN C 82 -1.19 23.09 12.28
CA GLN C 82 -0.13 22.22 11.75
C GLN C 82 -0.17 20.90 12.52
N HIS C 83 -0.58 19.81 11.85
CA HIS C 83 -0.69 18.46 12.48
C HIS C 83 -0.46 17.41 11.36
N GLU C 84 0.08 16.23 11.75
CA GLU C 84 0.31 15.14 10.82
C GLU C 84 -0.95 14.66 10.07
N ASN C 85 -2.16 14.85 10.63
CA ASN C 85 -3.40 14.43 9.98
C ASN C 85 -4.15 15.59 9.32
N LEU C 86 -3.42 16.65 8.98
CA LEU C 86 -3.96 17.76 8.20
C LEU C 86 -3.04 17.96 6.99
N VAL C 87 -3.58 18.44 5.87
CA VAL C 87 -2.76 18.71 4.68
C VAL C 87 -1.84 19.89 5.01
N GLU C 88 -0.65 19.92 4.44
CA GLU C 88 0.28 20.99 4.71
C GLU C 88 0.35 21.98 3.56
N LEU C 89 0.08 23.25 3.88
CA LEU C 89 0.16 24.36 2.94
C LEU C 89 1.62 24.78 2.91
N LEU C 90 2.20 24.85 1.73
CA LEU C 90 3.61 25.23 1.56
C LEU C 90 3.72 26.75 1.28
N GLY C 91 2.80 27.29 0.48
CA GLY C 91 2.78 28.68 0.08
C GLY C 91 1.50 29.02 -0.66
N PHE C 92 1.50 30.18 -1.31
CA PHE C 92 0.36 30.77 -2.02
C PHE C 92 0.83 31.88 -2.99
N SER C 93 -0.10 32.38 -3.82
CA SER C 93 0.14 33.49 -4.74
C SER C 93 -1.17 34.26 -4.89
N SER C 94 -1.10 35.59 -4.75
CA SER C 94 -2.22 36.54 -4.86
C SER C 94 -2.09 37.49 -6.09
N ASP C 95 -0.88 37.61 -6.65
CA ASP C 95 -0.56 38.48 -7.79
C ASP C 95 -1.29 38.08 -9.09
N LEU C 99 -5.93 33.14 -7.86
CA LEU C 99 -5.48 32.84 -6.50
C LEU C 99 -5.10 31.38 -6.41
N CYS C 100 -3.90 31.09 -5.84
CA CYS C 100 -3.36 29.73 -5.74
C CYS C 100 -2.97 29.31 -4.35
N LEU C 101 -3.02 28.01 -4.11
CA LEU C 101 -2.58 27.47 -2.85
C LEU C 101 -1.68 26.30 -3.14
N VAL C 102 -0.51 26.26 -2.48
CA VAL C 102 0.47 25.19 -2.73
C VAL C 102 0.56 24.24 -1.56
N TYR C 103 0.31 22.97 -1.79
CA TYR C 103 0.33 21.99 -0.74
C TYR C 103 1.31 20.89 -0.98
N VAL C 104 1.63 20.12 0.09
CA VAL C 104 2.46 18.93 -0.03
C VAL C 104 1.53 17.90 -0.73
N TYR C 105 2.02 17.27 -1.78
CA TYR C 105 1.36 16.24 -2.59
C TYR C 105 1.06 14.97 -1.79
N MET C 106 -0.14 14.44 -2.01
CA MET C 106 -0.64 13.24 -1.38
C MET C 106 -0.73 12.19 -2.48
N PRO C 107 0.26 11.27 -2.55
CA PRO C 107 0.31 10.26 -3.62
C PRO C 107 -0.90 9.33 -3.80
N ASN C 108 -1.75 9.17 -2.77
CA ASN C 108 -2.86 8.22 -2.86
C ASN C 108 -4.25 8.79 -3.01
N GLY C 109 -4.35 10.10 -3.28
CA GLY C 109 -5.60 10.79 -3.57
C GLY C 109 -6.50 10.87 -2.38
N SER C 110 -7.85 10.89 -2.62
CA SER C 110 -8.87 10.98 -1.58
C SER C 110 -9.37 9.61 -1.15
N LEU C 111 -9.91 9.55 0.07
CA LEU C 111 -10.50 8.34 0.66
C LEU C 111 -11.66 7.89 -0.22
N LEU C 112 -12.40 8.85 -0.80
CA LEU C 112 -13.51 8.60 -1.73
C LEU C 112 -13.04 7.72 -2.90
N ASP C 113 -11.97 8.17 -3.60
CA ASP C 113 -11.36 7.48 -4.74
C ASP C 113 -10.90 6.07 -4.35
N ARG C 114 -10.29 5.94 -3.17
CA ARG C 114 -9.76 4.66 -2.71
C ARG C 114 -10.84 3.68 -2.29
N LEU C 115 -11.97 4.21 -1.73
CA LEU C 115 -13.09 3.34 -1.37
C LEU C 115 -13.81 2.87 -2.65
N SER C 116 -13.75 3.66 -3.72
CA SER C 116 -14.38 3.32 -4.99
C SER C 116 -13.41 2.63 -5.97
N CYS C 117 -12.15 2.43 -5.55
CA CYS C 117 -11.09 1.76 -6.32
C CYS C 117 -10.88 2.42 -7.68
N LEU C 118 -10.92 3.74 -7.66
CA LEU C 118 -10.75 4.58 -8.81
C LEU C 118 -9.42 4.30 -9.48
N ASP C 119 -9.43 4.22 -10.82
CA ASP C 119 -8.26 3.96 -11.65
C ASP C 119 -7.52 2.64 -11.40
N GLY C 120 -8.25 1.63 -10.90
CA GLY C 120 -7.72 0.28 -10.69
C GLY C 120 -6.90 0.10 -9.44
N THR C 121 -6.97 1.04 -8.49
CA THR C 121 -6.25 0.88 -7.23
C THR C 121 -6.91 -0.25 -6.44
N PRO C 122 -6.09 -1.08 -5.71
CA PRO C 122 -6.65 -2.21 -4.95
C PRO C 122 -7.54 -1.74 -3.80
N PRO C 123 -8.57 -2.53 -3.41
CA PRO C 123 -9.43 -2.13 -2.29
C PRO C 123 -8.63 -1.97 -1.02
N LEU C 124 -9.07 -1.05 -0.14
CA LEU C 124 -8.37 -0.87 1.13
C LEU C 124 -8.72 -2.01 2.08
N SER C 125 -7.71 -2.52 2.76
CA SER C 125 -7.94 -3.58 3.74
C SER C 125 -8.62 -2.96 4.96
N TRP C 126 -9.23 -3.79 5.80
CA TRP C 126 -9.85 -3.33 7.03
C TRP C 126 -8.81 -2.70 7.95
N HIS C 127 -7.60 -3.30 7.97
CA HIS C 127 -6.48 -2.81 8.74
C HIS C 127 -6.14 -1.36 8.35
N MET C 128 -6.04 -1.07 7.04
CA MET C 128 -5.79 0.28 6.54
C MET C 128 -6.93 1.24 6.90
N ARG C 129 -8.18 0.76 6.80
CA ARG C 129 -9.37 1.53 7.10
C ARG C 129 -9.39 2.00 8.55
N CYS C 130 -9.04 1.10 9.49
CA CYS C 130 -8.99 1.42 10.93
C CYS C 130 -7.98 2.51 11.17
N LYS C 131 -6.83 2.43 10.52
CA LYS C 131 -5.76 3.41 10.60
C LYS C 131 -6.23 4.79 10.05
N ILE C 132 -6.94 4.80 8.91
CA ILE C 132 -7.48 6.01 8.27
C ILE C 132 -8.53 6.69 9.14
N ALA C 133 -9.41 5.90 9.77
CA ALA C 133 -10.45 6.40 10.67
C ALA C 133 -9.82 7.08 11.88
N GLN C 134 -8.79 6.43 12.49
CA GLN C 134 -8.05 6.96 13.64
C GLN C 134 -7.33 8.24 13.28
N GLY C 135 -6.65 8.26 12.13
CA GLY C 135 -5.95 9.42 11.61
C GLY C 135 -6.87 10.60 11.37
N ALA C 136 -8.01 10.38 10.70
CA ALA C 136 -8.98 11.44 10.42
C ALA C 136 -9.56 12.04 11.74
N ALA C 137 -9.85 11.18 12.77
CA ALA C 137 -10.31 11.60 14.10
C ALA C 137 -9.27 12.45 14.81
N ASN C 138 -7.95 12.07 14.69
CA ASN C 138 -6.85 12.86 15.28
C ASN C 138 -6.77 14.23 14.61
N GLY C 139 -7.07 14.32 13.30
CA GLY C 139 -7.09 15.57 12.55
C GLY C 139 -8.25 16.47 13.00
N ILE C 140 -9.47 15.89 13.15
CA ILE C 140 -10.67 16.63 13.60
C ILE C 140 -10.47 17.10 15.04
N ASN C 141 -9.82 16.27 15.88
CA ASN C 141 -9.54 16.61 17.27
C ASN C 141 -8.65 17.85 17.33
N PHE C 142 -7.59 17.87 16.50
CA PHE C 142 -6.68 19.01 16.43
C PHE C 142 -7.39 20.29 16.08
N LEU C 143 -8.30 20.26 15.09
CA LEU C 143 -9.09 21.44 14.70
C LEU C 143 -10.02 21.90 15.83
N HIS C 144 -10.68 20.97 16.52
CA HIS C 144 -11.59 21.27 17.62
C HIS C 144 -10.86 21.79 18.86
N GLU C 145 -9.72 21.16 19.23
CA GLU C 145 -8.87 21.59 20.35
C GLU C 145 -8.39 23.03 20.12
N ASN C 146 -8.23 23.43 18.86
CA ASN C 146 -7.79 24.73 18.41
C ASN C 146 -8.96 25.66 17.99
N HIS C 147 -10.17 25.32 18.47
CA HIS C 147 -11.41 26.09 18.27
C HIS C 147 -11.80 26.40 16.83
N HIS C 148 -11.71 25.39 15.94
CA HIS C 148 -12.06 25.48 14.53
C HIS C 148 -13.12 24.46 14.20
N ILE C 149 -14.08 24.87 13.38
CA ILE C 149 -15.16 24.02 12.83
C ILE C 149 -14.84 23.89 11.33
N HIS C 150 -14.66 22.67 10.84
CA HIS C 150 -14.32 22.44 9.44
C HIS C 150 -15.50 22.74 8.48
N ARG C 151 -16.72 22.31 8.83
CA ARG C 151 -17.99 22.53 8.09
C ARG C 151 -18.20 21.72 6.82
N ASP C 152 -17.21 20.92 6.43
CA ASP C 152 -17.28 20.07 5.22
C ASP C 152 -16.44 18.76 5.34
N ILE C 153 -16.61 18.05 6.48
CA ILE C 153 -15.98 16.74 6.69
C ILE C 153 -16.70 15.73 5.79
N LYS C 154 -15.96 15.18 4.84
CA LYS C 154 -16.44 14.20 3.87
C LYS C 154 -15.24 13.44 3.35
N SER C 155 -15.46 12.21 2.84
CA SER C 155 -14.42 11.33 2.34
C SER C 155 -13.61 11.92 1.20
N ALA C 156 -14.20 12.80 0.38
CA ALA C 156 -13.50 13.47 -0.73
C ALA C 156 -12.53 14.53 -0.19
N ASN C 157 -12.67 14.93 1.09
CA ASN C 157 -11.81 15.90 1.80
C ASN C 157 -10.78 15.25 2.74
N ILE C 158 -10.76 13.90 2.84
CA ILE C 158 -9.76 13.15 3.58
C ILE C 158 -8.80 12.60 2.50
N LEU C 159 -7.58 13.14 2.46
CA LEU C 159 -6.57 12.75 1.50
C LEU C 159 -5.63 11.73 2.12
N LEU C 160 -5.04 10.87 1.29
CA LEU C 160 -4.14 9.81 1.75
C LEU C 160 -2.70 9.92 1.23
N ASP C 161 -1.71 9.95 2.12
CA ASP C 161 -0.31 9.99 1.66
C ASP C 161 0.21 8.57 1.23
N GLU C 162 1.48 8.48 0.83
CA GLU C 162 2.16 7.24 0.41
C GLU C 162 1.96 6.05 1.39
N ALA C 163 1.94 6.31 2.72
CA ALA C 163 1.75 5.33 3.78
C ALA C 163 0.27 5.21 4.21
N PHE C 164 -0.64 5.79 3.41
CA PHE C 164 -2.08 5.80 3.66
C PHE C 164 -2.47 6.52 4.95
N THR C 165 -1.71 7.55 5.34
CA THR C 165 -2.01 8.42 6.49
C THR C 165 -3.08 9.40 6.01
N ALA C 166 -4.19 9.48 6.78
CA ALA C 166 -5.34 10.34 6.55
C ALA C 166 -4.94 11.80 6.80
N LYS C 167 -5.28 12.69 5.89
CA LYS C 167 -4.98 14.12 5.99
C LYS C 167 -6.22 14.91 5.60
N ILE C 168 -6.79 15.64 6.57
CA ILE C 168 -7.98 16.48 6.33
C ILE C 168 -7.52 17.66 5.46
N SER C 169 -8.32 17.99 4.43
CA SER C 169 -8.09 19.10 3.50
C SER C 169 -9.34 20.00 3.46
N ASP C 170 -9.26 21.12 2.71
CA ASP C 170 -10.32 22.12 2.48
C ASP C 170 -10.79 22.88 3.71
N PHE C 171 -10.12 23.97 4.02
CA PHE C 171 -10.43 24.79 5.18
C PHE C 171 -11.01 26.17 4.79
N GLY C 172 -11.48 26.29 3.52
CA GLY C 172 -12.07 27.52 2.94
C GLY C 172 -13.33 27.93 3.68
N LEU C 173 -14.17 26.92 4.07
CA LEU C 173 -15.43 27.13 4.80
C LEU C 173 -15.23 27.09 6.33
N ALA C 174 -14.00 26.80 6.80
CA ALA C 174 -13.75 26.68 8.23
C ALA C 174 -14.08 27.93 9.07
N ARG C 175 -14.59 27.74 10.29
CA ARG C 175 -14.99 28.81 11.22
C ARG C 175 -14.37 28.64 12.61
N ALA C 176 -14.07 29.76 13.30
CA ALA C 176 -13.52 29.74 14.66
C ALA C 176 -14.62 29.69 15.74
N SER C 177 -14.31 29.10 16.93
CA SER C 177 -15.24 28.97 18.06
C SER C 177 -14.63 29.49 19.38
N GLU C 178 -15.08 28.93 20.54
CA GLU C 178 -14.63 29.30 21.89
N TPO C 183 -23.15 28.27 20.23
CA TPO C 183 -23.66 27.88 18.92
CB TPO C 183 -24.51 26.60 18.85
CG2 TPO C 183 -25.06 26.39 17.43
OG1 TPO C 183 -23.63 25.50 19.12
P TPO C 183 -23.89 24.80 20.48
O1P TPO C 183 -23.53 25.74 21.64
O2P TPO C 183 -22.97 23.58 20.54
O3P TPO C 183 -25.38 24.42 20.64
C TPO C 183 -24.17 29.07 18.12
O TPO C 183 -25.15 29.71 18.52
N VAL C 184 -23.49 29.34 17.00
CA VAL C 184 -23.74 30.43 16.05
C VAL C 184 -24.81 29.98 15.03
N MET C 185 -25.37 30.93 14.28
CA MET C 185 -26.33 30.73 13.21
C MET C 185 -25.82 31.49 11.97
N TPO C 186 -26.22 31.07 10.78
CA TPO C 186 -25.77 31.70 9.54
CB TPO C 186 -24.45 31.12 8.92
CG2 TPO C 186 -24.64 29.66 8.46
OG1 TPO C 186 -23.96 31.88 7.77
P TPO C 186 -22.97 33.03 8.05
O1P TPO C 186 -22.18 32.97 9.38
O2P TPO C 186 -21.97 33.14 6.91
O3P TPO C 186 -23.77 34.32 7.95
C TPO C 186 -26.87 31.73 8.50
O TPO C 186 -27.74 30.86 8.46
N SEP C 187 -26.83 32.76 7.64
CA SEP C 187 -27.78 32.91 6.55
CB SEP C 187 -28.08 34.39 6.32
OG SEP C 187 -26.84 35.10 6.11
C SEP C 187 -27.24 32.18 5.32
O SEP C 187 -28.00 31.93 4.38
P SEP C 187 -27.09 36.63 6.10
O1P SEP C 187 -27.56 37.07 7.51
O2P SEP C 187 -25.76 37.28 5.69
O3P SEP C 187 -28.17 36.95 5.04
N ARG C 188 -25.94 31.83 5.35
CA ARG C 188 -25.27 31.12 4.26
C ARG C 188 -24.93 29.67 4.66
N ILE C 189 -25.87 28.75 4.35
CA ILE C 189 -25.76 27.33 4.65
C ILE C 189 -24.87 26.68 3.61
N VAL C 190 -23.69 26.21 4.05
CA VAL C 190 -22.67 25.55 3.22
C VAL C 190 -22.34 24.15 3.74
N GLY C 191 -21.91 23.26 2.84
CA GLY C 191 -21.53 21.89 3.13
C GLY C 191 -22.08 20.96 2.07
N THR C 192 -21.95 19.64 2.28
CA THR C 192 -22.44 18.59 1.37
C THR C 192 -23.59 17.89 2.09
N THR C 193 -24.80 18.11 1.59
CA THR C 193 -26.09 17.63 2.09
C THR C 193 -26.08 16.21 2.69
N ALA C 194 -25.49 15.23 1.94
CA ALA C 194 -25.41 13.82 2.29
C ALA C 194 -24.59 13.54 3.55
N TYR C 195 -23.76 14.51 3.97
CA TYR C 195 -22.89 14.45 5.13
C TYR C 195 -23.35 15.37 6.25
N MET C 196 -24.24 16.32 5.94
CA MET C 196 -24.69 17.34 6.87
C MET C 196 -25.64 16.90 7.94
N ALA C 197 -25.39 17.40 9.19
CA ALA C 197 -26.22 17.19 10.37
C ALA C 197 -27.51 18.00 10.21
N PRO C 198 -28.62 17.59 10.88
CA PRO C 198 -29.89 18.35 10.74
C PRO C 198 -29.75 19.84 11.13
N GLU C 199 -29.05 20.15 12.23
CA GLU C 199 -28.85 21.55 12.65
C GLU C 199 -28.02 22.38 11.68
N ALA C 200 -27.02 21.76 11.05
CA ALA C 200 -26.17 22.41 10.04
C ALA C 200 -27.00 22.75 8.80
N LEU C 201 -27.98 21.90 8.44
CA LEU C 201 -28.85 22.16 7.28
C LEU C 201 -29.82 23.32 7.55
N ARG C 202 -30.01 23.64 8.84
CA ARG C 202 -30.88 24.68 9.36
C ARG C 202 -30.15 26.00 9.64
N GLY C 203 -28.83 26.03 9.47
CA GLY C 203 -28.06 27.27 9.65
C GLY C 203 -27.16 27.33 10.86
N GLU C 204 -27.25 26.35 11.76
CA GLU C 204 -26.40 26.31 12.94
C GLU C 204 -24.94 26.04 12.58
N ILE C 205 -24.01 26.61 13.39
CA ILE C 205 -22.57 26.42 13.28
C ILE C 205 -22.08 25.92 14.61
N THR C 206 -21.75 24.65 14.67
CA THR C 206 -21.26 23.95 15.86
C THR C 206 -20.27 22.84 15.47
N PRO C 207 -19.25 22.52 16.37
CA PRO C 207 -18.32 21.41 16.11
C PRO C 207 -19.07 20.08 16.09
N LYS C 208 -20.25 20.04 16.75
CA LYS C 208 -21.14 18.87 16.85
C LYS C 208 -21.60 18.40 15.49
N SER C 209 -21.64 19.31 14.50
CA SER C 209 -22.02 18.98 13.14
C SER C 209 -20.86 18.26 12.42
N ASP C 210 -19.59 18.57 12.78
CA ASP C 210 -18.39 17.93 12.23
C ASP C 210 -18.38 16.44 12.59
N ILE C 211 -18.82 16.14 13.82
CA ILE C 211 -18.94 14.79 14.40
C ILE C 211 -19.94 13.96 13.61
N TYR C 212 -21.10 14.55 13.27
CA TYR C 212 -22.15 13.89 12.50
C TYR C 212 -21.59 13.44 11.14
N SER C 213 -20.99 14.39 10.39
CA SER C 213 -20.32 14.22 9.10
C SER C 213 -19.27 13.10 9.17
N PHE C 214 -18.48 13.10 10.25
CA PHE C 214 -17.49 12.06 10.48
C PHE C 214 -18.16 10.68 10.59
N GLY C 215 -19.39 10.62 11.16
CA GLY C 215 -20.19 9.39 11.29
C GLY C 215 -20.55 8.85 9.92
N VAL C 216 -20.91 9.73 8.96
CA VAL C 216 -21.22 9.34 7.57
C VAL C 216 -19.93 8.73 6.96
N VAL C 217 -18.77 9.37 7.21
CA VAL C 217 -17.44 8.95 6.73
C VAL C 217 -17.10 7.56 7.24
N LEU C 218 -17.39 7.27 8.52
CA LEU C 218 -17.17 5.94 9.10
C LEU C 218 -18.05 4.88 8.44
N LEU C 219 -19.25 5.27 8.00
CA LEU C 219 -20.20 4.40 7.32
C LEU C 219 -19.66 4.08 5.93
N GLU C 220 -19.07 5.09 5.28
CA GLU C 220 -18.38 4.98 4.00
C GLU C 220 -17.18 4.00 4.09
N ILE C 221 -16.42 4.08 5.19
CA ILE C 221 -15.28 3.19 5.47
C ILE C 221 -15.73 1.73 5.65
N ILE C 222 -16.79 1.48 6.47
CA ILE C 222 -17.35 0.13 6.73
C ILE C 222 -17.94 -0.53 5.45
N THR C 223 -18.74 0.23 4.71
CA THR C 223 -19.51 -0.20 3.55
C THR C 223 -18.86 -0.06 2.18
N GLY C 224 -17.99 0.94 1.97
CA GLY C 224 -17.38 1.21 0.65
C GLY C 224 -18.40 1.85 -0.31
N LEU C 225 -19.59 2.21 0.21
CA LEU C 225 -20.70 2.83 -0.50
C LEU C 225 -20.60 4.35 -0.41
N PRO C 226 -20.91 5.09 -1.48
CA PRO C 226 -20.86 6.57 -1.40
C PRO C 226 -22.03 7.11 -0.53
N ALA C 227 -21.85 8.26 0.15
CA ALA C 227 -22.86 8.90 1.02
C ALA C 227 -24.21 9.05 0.29
N VAL C 228 -24.15 9.38 -1.01
CA VAL C 228 -25.35 9.51 -1.83
C VAL C 228 -25.23 8.78 -3.19
N ASP C 229 -26.25 8.02 -3.53
CA ASP C 229 -26.35 7.30 -4.80
C ASP C 229 -27.79 7.41 -5.29
N GLU C 230 -28.00 8.10 -6.44
CA GLU C 230 -29.32 8.26 -7.09
C GLU C 230 -30.00 6.91 -7.32
N HIS C 231 -29.22 5.94 -7.86
CA HIS C 231 -29.66 4.58 -8.18
C HIS C 231 -29.41 3.64 -6.98
N ARG C 232 -30.05 3.89 -5.80
CA ARG C 232 -29.90 3.06 -4.59
C ARG C 232 -31.01 3.23 -3.56
N GLU C 233 -31.24 2.19 -2.73
CA GLU C 233 -32.21 2.21 -1.64
C GLU C 233 -31.55 1.70 -0.33
N PRO C 234 -31.32 2.60 0.67
CA PRO C 234 -31.65 4.03 0.69
C PRO C 234 -30.65 4.83 -0.14
N GLN C 235 -31.09 5.96 -0.69
CA GLN C 235 -30.23 6.83 -1.49
C GLN C 235 -29.14 7.49 -0.62
N LEU C 236 -29.44 7.77 0.67
CA LEU C 236 -28.50 8.36 1.61
C LEU C 236 -28.00 7.33 2.55
N LEU C 237 -26.68 7.11 2.54
CA LEU C 237 -26.01 6.12 3.36
C LEU C 237 -26.42 6.16 4.81
N LEU C 238 -26.51 7.37 5.43
CA LEU C 238 -26.87 7.56 6.86
C LEU C 238 -28.13 6.85 7.30
N ASP C 239 -29.05 6.59 6.33
CA ASP C 239 -30.33 5.92 6.58
C ASP C 239 -30.17 4.48 6.98
N ILE C 240 -29.03 3.83 6.63
CA ILE C 240 -28.73 2.43 6.98
C ILE C 240 -28.76 2.18 8.49
N LYS C 241 -28.42 3.23 9.29
CA LYS C 241 -28.49 3.22 10.76
C LYS C 241 -29.92 2.83 11.21
N GLU C 242 -30.95 3.37 10.53
CA GLU C 242 -32.35 3.12 10.83
C GLU C 242 -32.77 1.71 10.44
N GLU C 243 -32.39 1.24 9.23
CA GLU C 243 -32.62 -0.12 8.75
C GLU C 243 -32.05 -1.12 9.72
N ILE C 244 -30.84 -0.83 10.25
CA ILE C 244 -30.15 -1.68 11.23
C ILE C 244 -30.83 -1.62 12.60
N GLU C 245 -31.19 -0.41 13.08
CA GLU C 245 -31.90 -0.23 14.35
C GLU C 245 -33.30 -0.87 14.35
N ASP C 246 -34.00 -0.84 13.18
CA ASP C 246 -35.30 -1.47 13.01
C ASP C 246 -35.17 -2.97 12.68
N GLU C 247 -33.97 -3.55 12.94
CA GLU C 247 -33.59 -4.96 12.75
C GLU C 247 -33.91 -5.58 11.38
N GLU C 248 -34.28 -4.74 10.39
CA GLU C 248 -34.61 -5.13 9.01
C GLU C 248 -33.37 -5.74 8.36
N LYS C 249 -32.18 -5.14 8.65
CA LYS C 249 -30.87 -5.55 8.18
C LYS C 249 -29.87 -5.43 9.33
N THR C 250 -28.65 -5.99 9.14
CA THR C 250 -27.56 -5.92 10.11
C THR C 250 -26.34 -5.24 9.50
N ILE C 251 -25.38 -4.80 10.33
CA ILE C 251 -24.17 -4.16 9.81
C ILE C 251 -23.35 -5.11 8.92
N GLU C 252 -23.35 -6.41 9.28
CA GLU C 252 -22.68 -7.48 8.54
C GLU C 252 -23.18 -7.56 7.11
N ASP C 253 -24.46 -7.19 6.88
CA ASP C 253 -25.05 -7.18 5.54
C ASP C 253 -24.57 -5.97 4.74
N TYR C 254 -23.99 -4.96 5.41
CA TYR C 254 -23.52 -3.74 4.77
C TYR C 254 -22.01 -3.63 4.59
N ILE C 255 -21.23 -4.45 5.35
CA ILE C 255 -19.76 -4.55 5.29
C ILE C 255 -19.32 -4.69 3.86
N ASP C 256 -18.33 -3.86 3.46
CA ASP C 256 -17.76 -3.86 2.14
C ASP C 256 -17.26 -5.28 1.84
N LYS C 257 -17.78 -5.86 0.76
CA LYS C 257 -17.41 -7.22 0.32
C LYS C 257 -16.00 -7.21 -0.29
N LYS C 258 -15.45 -6.02 -0.60
CA LYS C 258 -14.09 -5.85 -1.15
C LYS C 258 -12.98 -5.95 -0.10
N MET C 259 -13.24 -6.65 1.01
CA MET C 259 -12.31 -6.85 2.14
C MET C 259 -12.25 -8.34 2.48
N ASN C 260 -11.07 -8.85 2.88
CA ASN C 260 -10.89 -10.24 3.33
C ASN C 260 -10.50 -10.31 4.81
N ASP C 261 -10.11 -9.16 5.42
CA ASP C 261 -9.58 -9.03 6.78
C ASP C 261 -10.47 -8.32 7.82
N ALA C 262 -11.73 -8.12 7.52
CA ALA C 262 -12.60 -7.43 8.47
C ALA C 262 -13.20 -8.38 9.49
N ASP C 263 -12.84 -8.22 10.78
CA ASP C 263 -13.47 -9.04 11.80
C ASP C 263 -14.70 -8.33 12.34
N SER C 264 -15.75 -9.12 12.67
CA SER C 264 -17.04 -8.66 13.20
C SER C 264 -16.93 -7.76 14.42
N THR C 265 -16.05 -8.08 15.35
CA THR C 265 -15.88 -7.34 16.59
C THR C 265 -15.45 -5.90 16.31
N SER C 266 -14.35 -5.70 15.52
CA SER C 266 -13.86 -4.35 15.18
C SER C 266 -14.83 -3.59 14.27
N VAL C 267 -15.51 -4.29 13.32
CA VAL C 267 -16.51 -3.66 12.45
C VAL C 267 -17.67 -3.08 13.30
N GLU C 268 -18.21 -3.90 14.20
CA GLU C 268 -19.29 -3.50 15.10
C GLU C 268 -18.84 -2.38 16.03
N ALA C 269 -17.58 -2.41 16.49
CA ALA C 269 -17.02 -1.36 17.34
C ALA C 269 -16.96 -0.02 16.57
N MET C 270 -16.56 -0.04 15.28
CA MET C 270 -16.52 1.17 14.46
C MET C 270 -17.94 1.67 14.18
N TYR C 271 -18.88 0.74 13.89
CA TYR C 271 -20.27 1.05 13.63
C TYR C 271 -20.91 1.71 14.83
N SER C 272 -20.59 1.24 16.03
CA SER C 272 -21.08 1.80 17.29
C SER C 272 -20.71 3.28 17.38
N VAL C 273 -19.43 3.62 17.06
CA VAL C 273 -18.93 5.00 17.03
C VAL C 273 -19.75 5.79 16.01
N ALA C 274 -19.88 5.26 14.78
CA ALA C 274 -20.62 5.90 13.70
C ALA C 274 -22.06 6.17 14.10
N SER C 275 -22.73 5.15 14.71
CA SER C 275 -24.10 5.23 15.22
C SER C 275 -24.22 6.37 16.22
N GLN C 276 -23.30 6.45 17.19
CA GLN C 276 -23.27 7.53 18.19
C GLN C 276 -23.08 8.90 17.52
N CYS C 277 -22.18 8.99 16.54
CA CYS C 277 -21.87 10.22 15.80
C CYS C 277 -23.09 10.71 15.09
N LEU C 278 -23.89 9.78 14.56
CA LEU C 278 -25.10 10.04 13.77
C LEU C 278 -26.39 10.24 14.58
N HIS C 279 -26.30 10.53 15.89
CA HIS C 279 -27.50 10.83 16.67
C HIS C 279 -28.01 12.19 16.18
N GLU C 280 -29.30 12.24 15.84
CA GLU C 280 -29.96 13.43 15.29
C GLU C 280 -29.96 14.65 16.24
N LYS C 281 -29.81 14.40 17.54
CA LYS C 281 -29.76 15.44 18.56
C LYS C 281 -28.29 15.78 18.84
N LYS C 282 -27.83 16.93 18.35
CA LYS C 282 -26.46 17.42 18.52
C LYS C 282 -25.83 17.19 19.89
N ASN C 283 -26.59 17.37 20.98
CA ASN C 283 -26.10 17.24 22.36
C ASN C 283 -25.93 15.80 22.85
N LYS C 284 -26.56 14.87 22.14
CA LYS C 284 -26.45 13.44 22.46
C LYS C 284 -25.22 12.81 21.80
N ARG C 285 -24.64 13.48 20.79
CA ARG C 285 -23.45 13.05 20.06
C ARG C 285 -22.21 13.06 20.95
N PRO C 286 -21.25 12.14 20.72
CA PRO C 286 -20.02 12.19 21.51
C PRO C 286 -19.13 13.33 20.97
N ASP C 287 -18.23 13.86 21.79
CA ASP C 287 -17.32 14.89 21.28
C ASP C 287 -16.18 14.17 20.52
N ILE C 288 -15.32 14.93 19.80
CA ILE C 288 -14.21 14.30 19.07
C ILE C 288 -13.24 13.48 19.95
N LYS C 289 -12.98 13.95 21.19
CA LYS C 289 -12.10 13.26 22.14
C LYS C 289 -12.62 11.88 22.45
N LYS C 290 -13.96 11.76 22.65
CA LYS C 290 -14.59 10.46 22.90
C LYS C 290 -14.49 9.57 21.65
N VAL C 291 -14.77 10.13 20.45
CA VAL C 291 -14.69 9.44 19.16
C VAL C 291 -13.28 8.86 18.96
N GLN C 292 -12.25 9.68 19.27
CA GLN C 292 -10.84 9.34 19.20
C GLN C 292 -10.53 8.17 20.10
N GLN C 293 -10.99 8.23 21.40
CA GLN C 293 -10.79 7.19 22.43
C GLN C 293 -11.34 5.87 21.97
N LEU C 294 -12.63 5.88 21.56
CA LEU C 294 -13.35 4.70 21.08
C LEU C 294 -12.69 4.04 19.87
N LEU C 295 -12.16 4.88 18.93
CA LEU C 295 -11.48 4.36 17.74
C LEU C 295 -10.14 3.71 18.10
N GLN C 296 -9.46 4.21 19.13
CA GLN C 296 -8.21 3.64 19.63
C GLN C 296 -8.48 2.32 20.33
N GLU C 297 -9.55 2.24 21.13
CA GLU C 297 -9.99 1.05 21.88
C GLU C 297 -10.38 -0.09 20.93
N MET C 298 -10.83 0.26 19.72
CA MET C 298 -11.24 -0.65 18.65
C MET C 298 -10.05 -1.48 18.13
N THR C 299 -8.85 -0.86 18.04
CA THR C 299 -7.65 -1.57 17.58
C THR C 299 -6.83 -2.19 18.71
N ALA C 300 -7.16 -1.87 19.98
CA ALA C 300 -6.49 -2.44 21.16
C ALA C 300 -6.96 -3.90 21.37
N SER C 301 -8.30 -4.10 21.47
CA SER C 301 -8.93 -5.42 21.67
N ARG D 5 1.14 -14.34 -30.58
CA ARG D 5 -0.01 -13.74 -29.88
C ARG D 5 0.26 -12.29 -29.46
N PHE D 6 1.55 -11.89 -29.48
CA PHE D 6 2.05 -10.59 -29.06
C PHE D 6 1.96 -9.52 -30.15
N HIS D 7 1.92 -8.24 -29.73
CA HIS D 7 1.83 -7.06 -30.59
C HIS D 7 3.14 -6.67 -31.32
N SER D 8 3.09 -6.66 -32.65
CA SER D 8 4.25 -6.28 -33.46
C SER D 8 4.35 -4.74 -33.42
N PHE D 9 5.34 -4.21 -32.69
CA PHE D 9 5.51 -2.78 -32.52
C PHE D 9 6.56 -2.25 -33.47
N SER D 10 6.35 -1.05 -33.98
CA SER D 10 7.38 -0.42 -34.78
C SER D 10 8.23 0.39 -33.84
N PHE D 11 9.54 0.39 -34.11
CA PHE D 11 10.55 1.03 -33.30
C PHE D 11 10.27 2.50 -33.02
N TYR D 12 9.72 3.23 -34.02
CA TYR D 12 9.35 4.64 -33.90
C TYR D 12 8.24 4.85 -32.87
N GLU D 13 7.33 3.86 -32.71
CA GLU D 13 6.23 3.90 -31.74
C GLU D 13 6.77 3.96 -30.31
N LEU D 14 7.72 3.07 -29.99
CA LEU D 14 8.35 2.96 -28.68
C LEU D 14 9.33 4.12 -28.43
N LYS D 15 9.92 4.64 -29.52
CA LYS D 15 10.82 5.77 -29.47
C LYS D 15 10.04 6.99 -29.01
N ASN D 16 8.86 7.18 -29.60
CA ASN D 16 7.97 8.29 -29.30
C ASN D 16 7.41 8.30 -27.88
N VAL D 17 7.15 7.09 -27.30
CA VAL D 17 6.53 6.90 -25.98
C VAL D 17 7.47 6.91 -24.75
N THR D 18 8.78 6.76 -24.99
CA THR D 18 9.82 6.73 -23.95
C THR D 18 10.66 8.00 -23.99
N ASN D 19 10.15 9.06 -24.67
CA ASN D 19 10.83 10.36 -24.90
C ASN D 19 12.20 10.15 -25.55
N ASN D 20 12.20 9.36 -26.65
CA ASN D 20 13.36 8.93 -27.42
C ASN D 20 14.34 8.15 -26.54
N PHE D 21 13.77 7.21 -25.74
CA PHE D 21 14.47 6.34 -24.80
C PHE D 21 15.37 7.14 -23.86
N ASP D 22 14.75 8.06 -23.13
CA ASP D 22 15.43 8.92 -22.17
C ASP D 22 16.05 8.03 -21.07
N GLU D 23 17.38 7.79 -21.20
CA GLU D 23 18.24 6.97 -20.35
C GLU D 23 18.43 7.50 -18.94
N ARG D 24 17.99 8.74 -18.68
CA ARG D 24 18.08 9.32 -17.35
C ARG D 24 17.11 8.59 -16.44
N PRO D 25 17.42 8.47 -15.14
CA PRO D 25 16.47 7.83 -14.23
C PRO D 25 15.17 8.65 -14.16
N ILE D 26 14.06 8.00 -13.82
CA ILE D 26 12.74 8.60 -13.67
C ILE D 26 12.70 9.74 -12.64
N SER D 27 13.41 9.60 -11.51
CA SER D 27 13.46 10.65 -10.47
C SER D 27 14.18 11.93 -10.93
N VAL D 28 15.11 11.77 -11.89
CA VAL D 28 15.87 12.89 -12.44
C VAL D 28 15.36 13.34 -13.84
N GLY D 29 14.02 13.19 -14.06
CA GLY D 29 13.31 13.60 -15.28
C GLY D 29 13.37 12.64 -16.49
N GLY D 30 14.02 11.48 -16.36
CA GLY D 30 14.13 10.53 -17.46
C GLY D 30 13.03 9.46 -17.51
N ASN D 31 13.28 8.38 -18.28
CA ASN D 31 12.33 7.28 -18.49
C ASN D 31 12.82 5.92 -17.95
N LYS D 32 14.14 5.78 -17.73
CA LYS D 32 14.80 4.58 -17.22
C LYS D 32 14.30 4.21 -15.83
N MET D 33 13.95 2.91 -15.68
CA MET D 33 13.48 2.20 -14.50
C MET D 33 14.63 1.38 -13.93
N GLY D 34 15.54 0.90 -14.82
CA GLY D 34 16.72 0.14 -14.42
C GLY D 34 17.34 -0.67 -15.56
N GLU D 35 18.37 -1.48 -15.24
CA GLU D 35 19.03 -2.30 -16.24
C GLU D 35 19.10 -3.77 -15.82
N GLY D 36 18.62 -4.67 -16.71
CA GLY D 36 18.61 -6.12 -16.51
N PHE D 38 19.24 -8.39 -19.91
CA PHE D 38 20.40 -7.82 -20.61
C PHE D 38 19.96 -6.65 -21.54
N GLY D 39 19.75 -5.49 -20.92
CA GLY D 39 19.28 -4.27 -21.57
C GLY D 39 18.62 -3.37 -20.54
N VAL D 40 18.41 -2.10 -20.92
CA VAL D 40 17.78 -1.04 -20.11
C VAL D 40 16.25 -1.14 -20.24
N VAL D 41 15.55 -0.82 -19.15
CA VAL D 41 14.09 -0.82 -19.05
C VAL D 41 13.61 0.62 -18.90
N TYR D 42 12.69 1.05 -19.79
CA TYR D 42 12.13 2.40 -19.81
C TYR D 42 10.62 2.38 -19.57
N LYS D 43 10.10 3.46 -18.96
CA LYS D 43 8.68 3.63 -18.76
C LYS D 43 8.11 4.24 -20.07
N GLY D 44 6.98 3.70 -20.53
CA GLY D 44 6.31 4.16 -21.75
C GLY D 44 4.82 4.21 -21.52
N TYR D 45 4.10 4.92 -22.40
CA TYR D 45 2.65 5.11 -22.38
C TYR D 45 2.08 4.82 -23.75
N VAL D 46 1.48 3.65 -23.92
CA VAL D 46 0.90 3.22 -25.19
C VAL D 46 -0.57 3.12 -24.88
N ASN D 47 -1.41 3.88 -25.62
CA ASN D 47 -2.85 4.01 -25.41
C ASN D 47 -3.07 4.77 -24.08
N ASN D 48 -3.80 4.13 -23.15
CA ASN D 48 -4.01 4.65 -21.81
C ASN D 48 -3.27 3.76 -20.79
N THR D 49 -2.40 2.88 -21.31
CA THR D 49 -1.63 1.91 -20.55
C THR D 49 -0.17 2.36 -20.31
N THR D 50 0.31 2.21 -19.08
CA THR D 50 1.72 2.40 -18.77
C THR D 50 2.38 1.03 -19.09
N VAL D 51 3.53 1.07 -19.78
CA VAL D 51 4.22 -0.17 -20.18
C VAL D 51 5.67 -0.10 -19.76
N ALA D 52 6.36 -1.24 -19.80
CA ALA D 52 7.77 -1.36 -19.53
C ALA D 52 8.42 -1.80 -20.85
N VAL D 53 9.30 -0.94 -21.38
CA VAL D 53 9.98 -1.21 -22.64
C VAL D 53 11.43 -1.60 -22.40
N LYS D 54 11.75 -2.89 -22.55
CA LYS D 54 13.14 -3.30 -22.41
C LYS D 54 13.75 -3.16 -23.80
N LYS D 55 14.83 -2.36 -23.90
CA LYS D 55 15.63 -2.13 -25.11
C LYS D 55 16.94 -2.96 -24.89
N LEU D 56 17.08 -4.07 -25.62
CA LEU D 56 18.23 -5.00 -25.54
C LEU D 56 19.57 -4.35 -25.91
N ALA D 57 20.58 -4.44 -24.98
CA ALA D 57 21.93 -3.90 -25.14
N THR D 63 27.15 -8.70 -28.96
CA THR D 63 27.13 -9.41 -30.25
C THR D 63 25.84 -9.14 -31.04
N THR D 64 25.98 -9.02 -32.38
CA THR D 64 24.89 -8.75 -33.33
C THR D 64 23.94 -9.97 -33.49
N GLU D 65 24.51 -11.18 -33.66
CA GLU D 65 23.80 -12.44 -33.90
C GLU D 65 23.34 -13.15 -32.63
N GLU D 66 24.10 -13.01 -31.53
CA GLU D 66 23.81 -13.63 -30.23
C GLU D 66 22.59 -13.03 -29.52
N LEU D 67 22.42 -11.70 -29.63
CA LEU D 67 21.31 -10.97 -29.01
C LEU D 67 19.98 -11.33 -29.67
N LYS D 68 19.95 -11.40 -31.02
CA LYS D 68 18.76 -11.74 -31.82
C LYS D 68 18.17 -13.11 -31.43
N GLN D 69 19.02 -14.14 -31.21
CA GLN D 69 18.55 -15.46 -30.79
C GLN D 69 18.09 -15.46 -29.31
N GLN D 70 18.67 -14.56 -28.46
CA GLN D 70 18.32 -14.39 -27.03
C GLN D 70 16.98 -13.62 -26.88
N PHE D 71 16.65 -12.76 -27.87
CA PHE D 71 15.42 -11.98 -27.97
C PHE D 71 14.28 -12.95 -28.27
N ASP D 72 14.47 -13.80 -29.30
CA ASP D 72 13.51 -14.82 -29.73
C ASP D 72 13.32 -15.89 -28.64
N GLN D 73 14.31 -16.06 -27.75
CA GLN D 73 14.28 -16.97 -26.61
C GLN D 73 13.32 -16.41 -25.55
N GLU D 74 13.46 -15.10 -25.22
CA GLU D 74 12.59 -14.40 -24.24
C GLU D 74 11.12 -14.46 -24.70
N ILE D 75 10.88 -14.32 -26.03
CA ILE D 75 9.53 -14.40 -26.60
C ILE D 75 9.00 -15.83 -26.49
N LYS D 76 9.87 -16.84 -26.72
CA LYS D 76 9.56 -18.28 -26.65
C LYS D 76 9.11 -18.69 -25.24
N VAL D 77 9.84 -18.23 -24.19
CA VAL D 77 9.55 -18.53 -22.78
C VAL D 77 8.24 -17.84 -22.37
N MET D 78 8.04 -16.58 -22.79
CA MET D 78 6.84 -15.77 -22.53
C MET D 78 5.58 -16.26 -23.27
N ALA D 79 5.77 -16.95 -24.40
CA ALA D 79 4.69 -17.52 -25.19
C ALA D 79 4.15 -18.77 -24.47
N LYS D 80 5.05 -19.57 -23.85
CA LYS D 80 4.73 -20.80 -23.12
C LYS D 80 4.27 -20.50 -21.68
N CYS D 81 5.03 -19.65 -20.97
CA CYS D 81 4.82 -19.34 -19.57
C CYS D 81 3.96 -18.12 -19.27
N GLN D 82 2.67 -18.37 -18.98
CA GLN D 82 1.68 -17.37 -18.59
C GLN D 82 1.12 -17.79 -17.22
N HIS D 83 1.41 -17.00 -16.18
CA HIS D 83 0.99 -17.25 -14.80
C HIS D 83 0.85 -15.91 -14.09
N GLU D 84 -0.06 -15.82 -13.12
CA GLU D 84 -0.29 -14.60 -12.33
C GLU D 84 0.96 -14.10 -11.60
N ASN D 85 1.94 -14.98 -11.28
CA ASN D 85 3.15 -14.58 -10.58
C ASN D 85 4.35 -14.46 -11.53
N LEU D 86 4.07 -14.25 -12.81
CA LEU D 86 5.12 -13.96 -13.80
C LEU D 86 4.76 -12.65 -14.51
N VAL D 87 5.76 -11.89 -14.98
CA VAL D 87 5.53 -10.67 -15.74
C VAL D 87 4.96 -11.04 -17.10
N GLU D 88 4.13 -10.18 -17.65
CA GLU D 88 3.49 -10.42 -18.92
C GLU D 88 4.09 -9.59 -20.04
N LEU D 89 4.48 -10.27 -21.11
CA LEU D 89 4.99 -9.67 -22.33
C LEU D 89 3.79 -9.24 -23.15
N LEU D 90 3.76 -7.97 -23.59
CA LEU D 90 2.67 -7.44 -24.43
C LEU D 90 2.98 -7.52 -25.92
N GLY D 91 4.21 -7.14 -26.29
CA GLY D 91 4.69 -7.14 -27.66
C GLY D 91 6.19 -6.95 -27.75
N PHE D 92 6.65 -6.62 -28.96
CA PHE D 92 8.06 -6.47 -29.27
C PHE D 92 8.29 -5.62 -30.52
N SER D 93 9.56 -5.28 -30.78
CA SER D 93 10.00 -4.52 -31.94
C SER D 93 11.33 -5.09 -32.52
N SER D 94 11.38 -5.31 -33.86
CA SER D 94 12.56 -5.86 -34.59
C SER D 94 13.03 -4.94 -35.73
N ASP D 95 12.11 -4.13 -36.30
CA ASP D 95 12.33 -3.20 -37.42
C ASP D 95 13.45 -2.17 -37.25
N GLY D 96 13.47 -1.42 -36.14
CA GLY D 96 14.47 -0.37 -35.89
C GLY D 96 15.87 -0.85 -35.54
N ASP D 97 16.67 0.10 -35.00
CA ASP D 97 18.07 -0.11 -34.61
C ASP D 97 18.18 -1.20 -33.54
N ASP D 98 17.60 -0.93 -32.34
CA ASP D 98 17.65 -1.86 -31.23
C ASP D 98 16.40 -2.75 -31.12
N LEU D 99 16.57 -3.94 -30.52
CA LEU D 99 15.49 -4.89 -30.28
C LEU D 99 14.77 -4.49 -28.99
N CYS D 100 13.43 -4.44 -29.06
CA CYS D 100 12.61 -4.05 -27.91
C CYS D 100 11.64 -5.10 -27.44
N LEU D 101 11.46 -5.18 -26.12
CA LEU D 101 10.47 -6.06 -25.51
C LEU D 101 9.52 -5.21 -24.69
N VAL D 102 8.20 -5.45 -24.83
CA VAL D 102 7.18 -4.66 -24.15
C VAL D 102 6.43 -5.48 -23.15
N TYR D 103 6.39 -4.96 -21.88
CA TYR D 103 5.74 -5.64 -20.77
C TYR D 103 4.71 -4.79 -20.08
N VAL D 104 3.83 -5.46 -19.33
CA VAL D 104 2.86 -4.77 -18.50
C VAL D 104 3.69 -4.12 -17.38
N TYR D 105 3.47 -2.81 -17.10
CA TYR D 105 4.12 -2.01 -16.06
C TYR D 105 3.71 -2.49 -14.68
N MET D 106 4.66 -2.51 -13.75
CA MET D 106 4.47 -2.94 -12.37
C MET D 106 4.65 -1.72 -11.50
N PRO D 107 3.55 -1.01 -11.19
CA PRO D 107 3.57 0.25 -10.44
C PRO D 107 4.33 0.30 -9.11
N ASN D 108 4.52 -0.85 -8.48
CA ASN D 108 5.18 -0.93 -7.18
C ASN D 108 6.64 -1.37 -7.20
N GLY D 109 7.23 -1.42 -8.39
CA GLY D 109 8.64 -1.67 -8.64
C GLY D 109 9.10 -3.03 -8.20
N SER D 110 10.40 -3.14 -7.90
CA SER D 110 10.98 -4.39 -7.45
C SER D 110 10.95 -4.56 -5.94
N LEU D 111 11.04 -5.82 -5.52
CA LEU D 111 11.09 -6.22 -4.11
C LEU D 111 12.31 -5.56 -3.45
N LEU D 112 13.43 -5.45 -4.21
CA LEU D 112 14.68 -4.82 -3.78
C LEU D 112 14.41 -3.39 -3.32
N ASP D 113 13.77 -2.58 -4.20
CA ASP D 113 13.42 -1.19 -3.95
C ASP D 113 12.48 -1.06 -2.73
N ARG D 114 11.50 -1.97 -2.60
CA ARG D 114 10.53 -1.92 -1.50
C ARG D 114 11.10 -2.34 -0.18
N LEU D 115 12.08 -3.28 -0.20
CA LEU D 115 12.74 -3.67 1.05
C LEU D 115 13.68 -2.56 1.51
N SER D 116 14.19 -1.76 0.56
CA SER D 116 15.10 -0.65 0.90
C SER D 116 14.38 0.68 1.08
N CYS D 117 13.04 0.67 0.91
CA CYS D 117 12.14 1.82 1.03
C CYS D 117 12.60 2.96 0.15
N LEU D 118 13.01 2.59 -1.07
CA LEU D 118 13.47 3.50 -2.12
C LEU D 118 12.40 4.55 -2.43
N ASP D 119 12.85 5.80 -2.54
CA ASP D 119 12.00 6.97 -2.81
C ASP D 119 10.93 7.30 -1.75
N GLY D 120 11.15 6.86 -0.51
CA GLY D 120 10.26 7.13 0.60
C GLY D 120 9.04 6.25 0.72
N THR D 121 9.02 5.11 0.00
CA THR D 121 7.88 4.21 0.08
C THR D 121 7.85 3.57 1.47
N PRO D 122 6.65 3.36 2.06
CA PRO D 122 6.55 2.78 3.41
C PRO D 122 7.08 1.34 3.47
N PRO D 123 7.62 0.94 4.63
CA PRO D 123 8.18 -0.43 4.72
C PRO D 123 7.10 -1.45 4.50
N LEU D 124 7.47 -2.62 3.96
CA LEU D 124 6.50 -3.69 3.79
C LEU D 124 6.21 -4.36 5.13
N SER D 125 4.93 -4.60 5.41
CA SER D 125 4.58 -5.30 6.63
C SER D 125 5.00 -6.80 6.48
N TRP D 126 5.10 -7.53 7.61
CA TRP D 126 5.41 -8.95 7.59
C TRP D 126 4.32 -9.70 6.80
N HIS D 127 3.06 -9.24 6.95
CA HIS D 127 1.92 -9.80 6.24
C HIS D 127 2.11 -9.70 4.72
N MET D 128 2.52 -8.54 4.21
CA MET D 128 2.79 -8.37 2.81
C MET D 128 3.97 -9.22 2.33
N ARG D 129 5.03 -9.28 3.14
CA ARG D 129 6.23 -10.07 2.89
C ARG D 129 5.93 -11.56 2.74
N CYS D 130 5.06 -12.12 3.61
CA CYS D 130 4.63 -13.51 3.53
C CYS D 130 3.92 -13.77 2.22
N LYS D 131 3.05 -12.86 1.83
CA LYS D 131 2.29 -12.93 0.56
C LYS D 131 3.24 -12.90 -0.65
N ILE D 132 4.26 -12.02 -0.64
CA ILE D 132 5.25 -11.88 -1.72
C ILE D 132 6.11 -13.13 -1.84
N ALA D 133 6.55 -13.72 -0.72
CA ALA D 133 7.34 -14.95 -0.68
C ALA D 133 6.53 -16.11 -1.29
N GLN D 134 5.23 -16.25 -0.91
CA GLN D 134 4.33 -17.29 -1.43
C GLN D 134 4.10 -17.11 -2.92
N GLY D 135 3.83 -15.86 -3.38
CA GLY D 135 3.63 -15.48 -4.78
C GLY D 135 4.85 -15.78 -5.62
N ALA D 136 6.05 -15.41 -5.14
CA ALA D 136 7.31 -15.68 -5.87
C ALA D 136 7.59 -17.20 -6.01
N ALA D 137 7.26 -17.99 -4.95
CA ALA D 137 7.38 -19.44 -4.94
C ALA D 137 6.40 -20.08 -5.90
N ASN D 138 5.17 -19.50 -6.07
CA ASN D 138 4.18 -19.99 -7.05
C ASN D 138 4.67 -19.72 -8.47
N GLY D 139 5.39 -18.59 -8.67
CA GLY D 139 5.97 -18.23 -9.97
C GLY D 139 7.12 -19.19 -10.34
N ILE D 140 8.02 -19.48 -9.38
CA ILE D 140 9.15 -20.40 -9.60
C ILE D 140 8.62 -21.82 -9.86
N ASN D 141 7.56 -22.22 -9.14
CA ASN D 141 6.94 -23.52 -9.31
C ASN D 141 6.43 -23.68 -10.73
N PHE D 142 5.71 -22.65 -11.25
CA PHE D 142 5.22 -22.64 -12.61
C PHE D 142 6.33 -22.85 -13.64
N LEU D 143 7.46 -22.15 -13.49
CA LEU D 143 8.60 -22.29 -14.40
C LEU D 143 9.20 -23.69 -14.33
N HIS D 144 9.35 -24.24 -13.12
CA HIS D 144 9.93 -25.59 -12.93
C HIS D 144 9.00 -26.70 -13.43
N GLU D 145 7.66 -26.59 -13.15
CA GLU D 145 6.64 -27.53 -13.62
C GLU D 145 6.65 -27.59 -15.13
N ASN D 146 7.00 -26.48 -15.79
CA ASN D 146 7.08 -26.28 -17.24
C ASN D 146 8.50 -26.43 -17.79
N HIS D 147 9.38 -27.06 -17.01
CA HIS D 147 10.78 -27.37 -17.37
C HIS D 147 11.65 -26.19 -17.79
N HIS D 148 11.57 -25.08 -17.03
CA HIS D 148 12.37 -23.87 -17.24
C HIS D 148 13.20 -23.55 -16.01
N ILE D 149 14.43 -23.10 -16.23
CA ILE D 149 15.36 -22.66 -15.21
C ILE D 149 15.53 -21.14 -15.44
N HIS D 150 15.23 -20.34 -14.42
CA HIS D 150 15.30 -18.89 -14.51
C HIS D 150 16.74 -18.40 -14.64
N ARG D 151 17.68 -18.89 -13.78
CA ARG D 151 19.12 -18.58 -13.74
C ARG D 151 19.51 -17.23 -13.15
N ASP D 152 18.52 -16.41 -12.77
CA ASP D 152 18.74 -15.10 -12.16
C ASP D 152 17.64 -14.69 -11.15
N ILE D 153 17.26 -15.61 -10.24
CA ILE D 153 16.29 -15.32 -9.18
C ILE D 153 16.96 -14.41 -8.17
N LYS D 154 16.42 -13.20 -8.03
CA LYS D 154 16.92 -12.16 -7.12
C LYS D 154 15.79 -11.18 -6.88
N SER D 155 15.83 -10.45 -5.75
CA SER D 155 14.80 -9.51 -5.35
C SER D 155 14.57 -8.38 -6.39
N ALA D 156 15.62 -8.00 -7.14
CA ALA D 156 15.51 -6.98 -8.17
C ALA D 156 14.70 -7.50 -9.39
N ASN D 157 14.53 -8.84 -9.49
CA ASN D 157 13.76 -9.53 -10.54
C ASN D 157 12.39 -10.00 -10.10
N ILE D 158 11.98 -9.70 -8.87
CA ILE D 158 10.64 -9.95 -8.35
C ILE D 158 9.97 -8.56 -8.34
N LEU D 159 9.10 -8.35 -9.32
CA LEU D 159 8.36 -7.10 -9.49
C LEU D 159 7.06 -7.16 -8.74
N LEU D 160 6.58 -6.01 -8.26
CA LEU D 160 5.35 -5.96 -7.47
C LEU D 160 4.24 -5.16 -8.17
N ASP D 161 3.07 -5.78 -8.42
CA ASP D 161 1.93 -5.08 -9.04
C ASP D 161 1.23 -4.07 -8.07
N GLU D 162 0.03 -3.60 -8.43
CA GLU D 162 -0.80 -2.63 -7.70
C GLU D 162 -1.15 -3.16 -6.29
N ALA D 163 -1.51 -4.47 -6.21
CA ALA D 163 -1.88 -5.23 -5.02
C ALA D 163 -0.66 -5.91 -4.35
N PHE D 164 0.56 -5.54 -4.72
CA PHE D 164 1.79 -6.13 -4.16
C PHE D 164 1.93 -7.60 -4.47
N THR D 165 1.41 -8.01 -5.65
CA THR D 165 1.51 -9.37 -6.18
C THR D 165 2.89 -9.53 -6.80
N ALA D 166 3.63 -10.56 -6.30
CA ALA D 166 4.98 -10.88 -6.74
C ALA D 166 4.90 -11.39 -8.17
N LYS D 167 5.74 -10.85 -9.07
CA LYS D 167 5.81 -11.22 -10.49
C LYS D 167 7.26 -11.41 -10.85
N ILE D 168 7.67 -12.64 -11.16
CA ILE D 168 9.03 -12.95 -11.57
C ILE D 168 9.23 -12.32 -12.97
N SER D 169 10.37 -11.64 -13.17
CA SER D 169 10.76 -11.00 -14.44
C SER D 169 12.11 -11.50 -14.89
N ASP D 170 12.57 -11.07 -16.08
CA ASP D 170 13.85 -11.39 -16.72
C ASP D 170 14.07 -12.85 -17.06
N PHE D 171 13.62 -13.24 -18.27
CA PHE D 171 13.73 -14.61 -18.80
C PHE D 171 14.68 -14.65 -20.00
N GLY D 172 15.57 -13.65 -20.10
CA GLY D 172 16.58 -13.55 -21.17
C GLY D 172 17.61 -14.68 -21.03
N LEU D 173 17.98 -15.00 -19.77
CA LEU D 173 18.94 -16.04 -19.41
C LEU D 173 18.27 -17.40 -19.17
N ALA D 174 16.92 -17.47 -19.21
CA ALA D 174 16.19 -18.72 -18.95
C ALA D 174 16.55 -19.89 -19.87
N ARG D 175 16.58 -21.12 -19.31
CA ARG D 175 16.93 -22.35 -20.02
C ARG D 175 15.90 -23.45 -19.79
N ALA D 176 15.68 -24.30 -20.81
CA ALA D 176 14.75 -25.45 -20.73
C ALA D 176 15.40 -26.72 -20.15
N SER D 177 14.58 -27.63 -19.56
CA SER D 177 15.02 -28.90 -18.97
N TPO D 183 21.47 -32.60 -15.42
CA TPO D 183 22.25 -31.41 -15.11
CB TPO D 183 22.75 -31.24 -13.67
CG2 TPO D 183 23.64 -29.99 -13.55
OG1 TPO D 183 21.59 -30.99 -12.86
P TPO D 183 21.24 -32.15 -11.91
O1P TPO D 183 20.06 -31.66 -11.05
O2P TPO D 183 22.44 -32.57 -11.06
O3P TPO D 183 20.82 -33.42 -12.69
C TPO D 183 23.26 -31.09 -16.22
O TPO D 183 24.18 -31.86 -16.48
N VAL D 184 23.05 -29.92 -16.86
CA VAL D 184 23.84 -29.37 -17.97
C VAL D 184 25.01 -28.56 -17.40
N MET D 185 25.99 -28.24 -18.26
CA MET D 185 27.16 -27.42 -17.97
C MET D 185 27.25 -26.32 -19.02
N TPO D 186 27.90 -25.21 -18.71
CA TPO D 186 28.06 -24.10 -19.64
CB TPO D 186 26.90 -23.04 -19.61
CG2 TPO D 186 26.85 -22.30 -18.27
OG1 TPO D 186 27.03 -22.02 -20.66
P TPO D 186 26.32 -22.31 -22.01
O1P TPO D 186 25.79 -21.00 -22.56
O2P TPO D 186 27.43 -22.80 -22.96
O3P TPO D 186 25.18 -23.37 -22.00
C TPO D 186 29.41 -23.41 -19.49
O TPO D 186 29.98 -23.38 -18.41
N SEP D 187 29.91 -22.85 -20.59
CA SEP D 187 31.17 -22.12 -20.60
CB SEP D 187 31.91 -22.32 -21.92
OG SEP D 187 31.03 -21.98 -23.02
C SEP D 187 30.90 -20.64 -20.29
O SEP D 187 31.84 -19.91 -19.96
P SEP D 187 31.64 -22.38 -24.38
O1P SEP D 187 33.00 -21.63 -24.51
O2P SEP D 187 30.65 -21.90 -25.48
O3P SEP D 187 31.78 -23.93 -24.43
N ARG D 188 29.61 -20.20 -20.41
CA ARG D 188 29.17 -18.83 -20.15
C ARG D 188 28.37 -18.79 -18.83
N ILE D 189 29.08 -18.49 -17.73
CA ILE D 189 28.52 -18.38 -16.40
C ILE D 189 27.87 -17.00 -16.26
N VAL D 190 26.53 -17.01 -16.09
CA VAL D 190 25.68 -15.84 -15.95
C VAL D 190 24.85 -15.90 -14.65
N GLY D 191 24.51 -14.71 -14.11
CA GLY D 191 23.73 -14.55 -12.90
C GLY D 191 24.33 -13.47 -12.01
N THR D 192 23.79 -13.32 -10.79
CA THR D 192 24.25 -12.34 -9.80
C THR D 192 24.89 -13.11 -8.66
N THR D 193 26.22 -13.01 -8.57
CA THR D 193 27.13 -13.67 -7.63
C THR D 193 26.58 -13.85 -6.21
N ALA D 194 26.03 -12.76 -5.62
CA ALA D 194 25.49 -12.71 -4.24
C ALA D 194 24.29 -13.64 -4.02
N TYR D 195 23.65 -14.06 -5.10
CA TYR D 195 22.47 -14.93 -5.11
C TYR D 195 22.78 -16.30 -5.64
N MET D 196 23.92 -16.47 -6.32
CA MET D 196 24.30 -17.70 -6.99
C MET D 196 24.71 -18.85 -6.10
N ALA D 197 24.21 -20.08 -6.43
CA ALA D 197 24.55 -21.33 -5.79
C ALA D 197 25.99 -21.70 -6.18
N PRO D 198 26.71 -22.50 -5.34
CA PRO D 198 28.10 -22.86 -5.68
C PRO D 198 28.22 -23.56 -7.07
N GLU D 199 27.31 -24.51 -7.40
CA GLU D 199 27.35 -25.20 -8.69
C GLU D 199 27.09 -24.29 -9.87
N ALA D 200 26.20 -23.30 -9.71
CA ALA D 200 25.90 -22.31 -10.75
C ALA D 200 27.13 -21.44 -11.03
N LEU D 201 27.93 -21.12 -10.00
CA LEU D 201 29.15 -20.32 -10.16
C LEU D 201 30.25 -21.11 -10.90
N ARG D 202 30.09 -22.45 -10.93
CA ARG D 202 31.00 -23.41 -11.56
C ARG D 202 30.56 -23.83 -12.97
N GLY D 203 29.40 -23.34 -13.42
CA GLY D 203 28.94 -23.63 -14.78
C GLY D 203 27.78 -24.57 -14.91
N GLU D 204 27.34 -25.18 -13.80
CA GLU D 204 26.20 -26.08 -13.82
C GLU D 204 24.90 -25.33 -14.07
N ILE D 205 23.96 -26.00 -14.77
CA ILE D 205 22.61 -25.48 -15.04
C ILE D 205 21.63 -26.50 -14.51
N THR D 206 20.99 -26.14 -13.40
CA THR D 206 20.00 -26.97 -12.70
C THR D 206 18.93 -26.09 -12.04
N PRO D 207 17.65 -26.59 -11.92
CA PRO D 207 16.59 -25.85 -11.22
C PRO D 207 16.96 -25.68 -9.75
N LYS D 208 17.80 -26.60 -9.22
CA LYS D 208 18.28 -26.61 -7.84
C LYS D 208 19.03 -25.32 -7.47
N SER D 209 19.60 -24.64 -8.48
CA SER D 209 20.29 -23.38 -8.28
C SER D 209 19.27 -22.24 -8.07
N ASP D 210 18.09 -22.34 -8.72
CA ASP D 210 17.00 -21.35 -8.60
C ASP D 210 16.50 -21.31 -7.14
N ILE D 211 16.43 -22.49 -6.50
CA ILE D 211 16.04 -22.72 -5.11
C ILE D 211 16.98 -22.03 -4.16
N TYR D 212 18.30 -22.16 -4.40
CA TYR D 212 19.35 -21.53 -3.58
C TYR D 212 19.16 -20.01 -3.56
N SER D 213 19.09 -19.38 -4.77
CA SER D 213 18.85 -17.97 -5.02
C SER D 213 17.58 -17.51 -4.30
N PHE D 214 16.52 -18.32 -4.37
CA PHE D 214 15.27 -18.03 -3.68
C PHE D 214 15.50 -17.93 -2.14
N GLY D 215 16.42 -18.76 -1.59
CA GLY D 215 16.80 -18.76 -0.18
C GLY D 215 17.42 -17.41 0.20
N VAL D 216 18.29 -16.84 -0.67
CA VAL D 216 18.88 -15.52 -0.44
C VAL D 216 17.74 -14.47 -0.41
N VAL D 217 16.75 -14.60 -1.33
CA VAL D 217 15.57 -13.70 -1.45
C VAL D 217 14.76 -13.73 -0.17
N LEU D 218 14.55 -14.92 0.42
CA LEU D 218 13.84 -15.06 1.69
C LEU D 218 14.58 -14.38 2.84
N LEU D 219 15.93 -14.35 2.78
CA LEU D 219 16.77 -13.73 3.79
C LEU D 219 16.62 -12.22 3.69
N GLU D 220 16.53 -11.69 2.46
CA GLU D 220 16.32 -10.26 2.26
C GLU D 220 14.95 -9.90 2.82
N ILE D 221 13.90 -10.73 2.52
CA ILE D 221 12.53 -10.50 3.04
C ILE D 221 12.53 -10.39 4.58
N ILE D 222 13.19 -11.35 5.29
CA ILE D 222 13.27 -11.40 6.75
C ILE D 222 14.03 -10.18 7.35
N THR D 223 15.20 -9.87 6.77
CA THR D 223 16.16 -8.85 7.22
C THR D 223 16.01 -7.45 6.65
N GLY D 224 15.53 -7.30 5.41
CA GLY D 224 15.45 -6.01 4.77
C GLY D 224 16.84 -5.51 4.34
N LEU D 225 17.86 -6.42 4.41
CA LEU D 225 19.26 -6.15 4.05
C LEU D 225 19.52 -6.58 2.61
N PRO D 226 20.31 -5.83 1.83
CA PRO D 226 20.60 -6.28 0.46
C PRO D 226 21.56 -7.51 0.49
N ALA D 227 21.48 -8.39 -0.56
CA ALA D 227 22.32 -9.60 -0.67
C ALA D 227 23.80 -9.29 -0.53
N VAL D 228 24.23 -8.15 -1.07
CA VAL D 228 25.61 -7.71 -0.97
C VAL D 228 25.73 -6.22 -0.59
N ASP D 229 26.59 -5.94 0.39
CA ASP D 229 26.90 -4.58 0.84
C ASP D 229 28.42 -4.52 1.09
N GLU D 230 29.12 -3.70 0.29
CA GLU D 230 30.57 -3.53 0.40
C GLU D 230 30.98 -3.10 1.80
N HIS D 231 30.22 -2.13 2.39
CA HIS D 231 30.42 -1.59 3.74
C HIS D 231 29.58 -2.35 4.78
N ARG D 232 29.82 -3.66 4.95
CA ARG D 232 29.09 -4.52 5.91
C ARG D 232 29.81 -5.81 6.31
N GLU D 233 29.49 -6.35 7.50
CA GLU D 233 30.03 -7.60 8.03
C GLU D 233 28.88 -8.51 8.51
N PRO D 234 28.59 -9.64 7.79
CA PRO D 234 29.26 -10.12 6.57
C PRO D 234 28.81 -9.33 5.34
N GLN D 235 29.66 -9.23 4.32
CA GLN D 235 29.33 -8.52 3.10
C GLN D 235 28.21 -9.22 2.31
N LEU D 236 28.17 -10.56 2.39
CA LEU D 236 27.16 -11.36 1.71
C LEU D 236 26.14 -11.85 2.72
N LEU D 237 24.87 -11.46 2.50
CA LEU D 237 23.75 -11.81 3.37
C LEU D 237 23.72 -13.29 3.71
N LEU D 238 23.95 -14.11 2.70
CA LEU D 238 24.06 -15.56 2.60
C LEU D 238 24.85 -16.20 3.78
N ASP D 239 25.86 -15.45 4.28
CA ASP D 239 26.76 -15.83 5.38
C ASP D 239 26.12 -15.83 6.78
N ILE D 240 25.00 -15.09 6.97
CA ILE D 240 24.31 -15.03 8.27
C ILE D 240 23.83 -16.39 8.70
N LYS D 241 23.62 -17.33 7.72
CA LYS D 241 23.20 -18.71 7.99
C LYS D 241 24.24 -19.38 8.89
N GLU D 242 25.53 -19.10 8.62
CA GLU D 242 26.67 -19.64 9.37
C GLU D 242 26.75 -19.03 10.76
N GLU D 243 26.59 -17.67 10.86
CA GLU D 243 26.56 -16.93 12.11
C GLU D 243 25.47 -17.48 13.06
N ILE D 244 24.29 -17.82 12.51
CA ILE D 244 23.15 -18.37 13.24
C ILE D 244 23.38 -19.84 13.58
N GLU D 245 23.97 -20.62 12.65
CA GLU D 245 24.28 -22.05 12.88
C GLU D 245 25.38 -22.23 13.93
N ASP D 246 26.35 -21.31 13.98
CA ASP D 246 27.44 -21.33 14.97
C ASP D 246 27.01 -20.64 16.29
N GLU D 247 25.68 -20.45 16.48
CA GLU D 247 24.98 -19.86 17.62
C GLU D 247 25.55 -18.52 18.13
N GLU D 248 26.38 -17.86 17.30
CA GLU D 248 26.99 -16.56 17.57
C GLU D 248 25.90 -15.49 17.68
N LYS D 249 24.90 -15.61 16.79
CA LYS D 249 23.72 -14.74 16.67
C LYS D 249 22.48 -15.61 16.42
N THR D 250 21.30 -14.99 16.48
CA THR D 250 20.01 -15.64 16.20
C THR D 250 19.31 -14.91 15.05
N ILE D 251 18.27 -15.55 14.45
CA ILE D 251 17.50 -14.91 13.38
C ILE D 251 16.80 -13.65 13.88
N GLU D 252 16.33 -13.67 15.16
CA GLU D 252 15.68 -12.55 15.82
C GLU D 252 16.54 -11.30 15.83
N ASP D 253 17.87 -11.45 15.88
CA ASP D 253 18.82 -10.33 15.83
C ASP D 253 18.90 -9.76 14.41
N TYR D 254 18.50 -10.55 13.39
CA TYR D 254 18.56 -10.13 12.00
C TYR D 254 17.25 -9.61 11.39
N ILE D 255 16.09 -9.92 12.03
CA ILE D 255 14.74 -9.48 11.65
C ILE D 255 14.74 -7.96 11.39
N ASP D 256 14.18 -7.57 10.25
CA ASP D 256 14.00 -6.19 9.85
C ASP D 256 13.22 -5.46 10.96
N LYS D 257 13.80 -4.40 11.49
CA LYS D 257 13.18 -3.60 12.56
C LYS D 257 12.07 -2.71 12.00
N LYS D 258 11.99 -2.57 10.66
CA LYS D 258 10.98 -1.77 9.95
C LYS D 258 9.63 -2.46 9.85
N MET D 259 9.29 -3.31 10.82
CA MET D 259 7.99 -3.97 10.91
C MET D 259 7.45 -4.06 12.33
N ASN D 260 6.13 -3.87 12.50
CA ASN D 260 5.45 -3.95 13.79
C ASN D 260 4.63 -5.26 13.94
N ASP D 261 4.45 -6.03 12.83
CA ASP D 261 3.62 -7.23 12.75
C ASP D 261 4.33 -8.58 12.57
N ALA D 262 5.64 -8.65 12.75
CA ALA D 262 6.34 -9.91 12.54
C ALA D 262 6.34 -10.77 13.79
N ASP D 263 5.65 -11.93 13.76
CA ASP D 263 5.70 -12.85 14.91
C ASP D 263 6.86 -13.82 14.75
N SER D 264 7.51 -14.18 15.87
CA SER D 264 8.64 -15.10 15.95
C SER D 264 8.42 -16.46 15.27
N THR D 265 7.24 -17.01 15.44
CA THR D 265 6.89 -18.32 14.91
C THR D 265 6.96 -18.35 13.38
N SER D 266 6.26 -17.40 12.72
CA SER D 266 6.26 -17.30 11.26
C SER D 266 7.65 -16.87 10.70
N VAL D 267 8.37 -15.97 11.40
CA VAL D 267 9.71 -15.57 10.98
C VAL D 267 10.66 -16.78 10.97
N GLU D 268 10.67 -17.56 12.07
CA GLU D 268 11.48 -18.77 12.20
C GLU D 268 11.07 -19.81 11.16
N ALA D 269 9.77 -19.94 10.87
CA ALA D 269 9.27 -20.85 9.86
C ALA D 269 9.81 -20.47 8.47
N MET D 270 9.84 -19.14 8.13
CA MET D 270 10.37 -18.68 6.85
C MET D 270 11.89 -18.90 6.80
N TYR D 271 12.59 -18.63 7.92
CA TYR D 271 14.03 -18.82 8.04
C TYR D 271 14.41 -20.26 7.80
N SER D 272 13.62 -21.18 8.35
CA SER D 272 13.83 -22.62 8.19
C SER D 272 13.84 -22.99 6.71
N VAL D 273 12.85 -22.47 5.94
CA VAL D 273 12.74 -22.66 4.49
C VAL D 273 14.00 -22.13 3.83
N ALA D 274 14.37 -20.87 4.15
CA ALA D 274 15.57 -20.21 3.60
C ALA D 274 16.81 -21.03 3.87
N SER D 275 16.99 -21.49 5.13
CA SER D 275 18.11 -22.33 5.58
C SER D 275 18.19 -23.61 4.72
N GLN D 276 17.06 -24.32 4.54
CA GLN D 276 16.97 -25.50 3.69
C GLN D 276 17.34 -25.20 2.24
N CYS D 277 16.86 -24.06 1.69
CA CYS D 277 17.13 -23.62 0.32
C CYS D 277 18.59 -23.40 0.11
N LEU D 278 19.25 -22.86 1.15
CA LEU D 278 20.66 -22.48 1.15
C LEU D 278 21.65 -23.59 1.48
N HIS D 279 21.22 -24.85 1.35
CA HIS D 279 22.11 -25.97 1.53
C HIS D 279 23.13 -25.90 0.39
N GLU D 280 24.43 -26.05 0.71
CA GLU D 280 25.51 -25.96 -0.29
C GLU D 280 25.52 -27.13 -1.29
N LYS D 281 24.92 -28.27 -0.89
CA LYS D 281 24.80 -29.47 -1.71
C LYS D 281 23.47 -29.45 -2.41
N LYS D 282 23.48 -29.14 -3.72
CA LYS D 282 22.28 -29.10 -4.57
C LYS D 282 21.22 -30.16 -4.32
N ASN D 283 21.62 -31.42 -4.07
CA ASN D 283 20.70 -32.56 -3.86
C ASN D 283 20.02 -32.61 -2.48
N LYS D 284 20.59 -31.86 -1.52
CA LYS D 284 20.07 -31.77 -0.17
C LYS D 284 18.99 -30.68 -0.07
N ARG D 285 18.92 -29.77 -1.06
CA ARG D 285 17.94 -28.69 -1.14
C ARG D 285 16.53 -29.21 -1.36
N PRO D 286 15.48 -28.50 -0.83
CA PRO D 286 14.11 -28.93 -1.13
C PRO D 286 13.76 -28.50 -2.56
N ASP D 287 12.81 -29.17 -3.20
CA ASP D 287 12.39 -28.74 -4.54
C ASP D 287 11.40 -27.55 -4.36
N ILE D 288 11.01 -26.87 -5.46
CA ILE D 288 10.08 -25.74 -5.36
C ILE D 288 8.71 -26.11 -4.74
N LYS D 289 8.19 -27.33 -5.03
CA LYS D 289 6.91 -27.81 -4.50
C LYS D 289 6.97 -27.89 -2.99
N LYS D 290 8.11 -28.34 -2.44
CA LYS D 290 8.28 -28.41 -0.98
C LYS D 290 8.38 -26.99 -0.39
N VAL D 291 9.14 -26.10 -1.04
CA VAL D 291 9.31 -24.70 -0.65
C VAL D 291 7.92 -24.01 -0.57
N GLN D 292 7.10 -24.23 -1.61
CA GLN D 292 5.74 -23.73 -1.75
C GLN D 292 4.88 -24.22 -0.59
N GLN D 293 4.91 -25.55 -0.27
CA GLN D 293 4.14 -26.20 0.80
C GLN D 293 4.47 -25.57 2.14
N LEU D 294 5.78 -25.51 2.47
CA LEU D 294 6.30 -24.93 3.71
C LEU D 294 5.91 -23.47 3.89
N LEU D 295 5.89 -22.67 2.80
CA LEU D 295 5.52 -21.26 2.84
C LEU D 295 4.03 -21.10 3.10
N GLN D 296 3.21 -22.03 2.60
CA GLN D 296 1.76 -22.05 2.82
C GLN D 296 1.45 -22.42 4.25
N GLU D 297 2.17 -23.42 4.80
CA GLU D 297 2.04 -23.92 6.19
C GLU D 297 2.38 -22.83 7.21
N MET D 298 3.27 -21.91 6.82
CA MET D 298 3.74 -20.77 7.62
C MET D 298 2.60 -19.78 7.92
N THR D 299 1.71 -19.55 6.93
CA THR D 299 0.57 -18.64 7.12
C THR D 299 -0.70 -19.34 7.61
N ALA D 300 -0.71 -20.70 7.65
CA ALA D 300 -1.87 -21.49 8.12
C ALA D 300 -1.94 -21.50 9.65
C01 4S2 E . 9.16 8.81 24.15
N02 4S2 E . 8.52 8.07 23.18
C03 4S2 E . 7.33 8.35 22.74
N04 4S2 E . 6.62 9.45 23.28
C05 4S2 E . 7.15 10.29 24.26
C06 4S2 E . 8.55 9.92 24.72
N07 4S2 E . 10.43 8.31 24.46
N08 4S2 E . 6.75 7.53 21.79
O09 4S2 E . 6.45 11.25 24.69
C10 4S2 E . 9.22 10.75 25.75
C11 4S2 E . 11.32 7.23 23.99
C12 4S2 E . 11.28 6.99 22.46
C13 4S2 E . 12.56 6.18 22.16
C14 4S2 E . 13.51 6.53 23.30
C15 4S2 E . 12.80 7.60 24.12
O16 4S2 E . 10.13 6.27 22.06
O17 4S2 E . 12.41 4.74 22.10
C18 4S2 E . 14.95 6.82 22.85
O19 4S2 E . 15.83 6.43 23.90
C20 4S2 E . 5.58 7.67 20.95
C21 4S2 E . 4.82 6.41 20.53
C22 4S2 E . 5.75 7.11 19.55
S23 4S2 E . 8.56 12.28 26.24
C24 4S2 E . 10.03 12.66 27.11
C25 4S2 E . 10.91 11.55 27.06
N26 4S2 E . 10.44 10.48 26.28
C27 4S2 E . 10.43 13.86 27.74
C28 4S2 E . 11.73 13.95 28.38
C29 4S2 E . 12.58 12.84 28.39
C30 4S2 E . 12.17 11.65 27.72
C01 4S2 F . -15.62 -21.55 -7.85
N02 4S2 F . -14.96 -20.55 -7.09
C03 4S2 F . -13.68 -20.53 -6.91
N04 4S2 F . -12.87 -21.52 -7.50
C05 4S2 F . -13.41 -22.54 -8.25
C06 4S2 F . -14.89 -22.57 -8.45
N07 4S2 F . -17.03 -21.42 -7.95
N08 4S2 F . -13.08 -19.56 -6.13
O09 4S2 F . -12.66 -23.39 -8.72
C10 4S2 F . -15.55 -23.65 -9.26
C11 4S2 F . -18.01 -20.48 -7.44
C12 4S2 F . -17.42 -19.05 -7.37
C13 4S2 F . -18.63 -18.10 -7.33
C14 4S2 F . -19.76 -19.01 -7.93
C15 4S2 F . -19.16 -20.33 -8.41
O16 4S2 F . -16.69 -18.94 -6.16
O17 4S2 F . -18.91 -17.49 -6.00
C18 4S2 F . -20.63 -18.35 -8.99
O19 4S2 F . -21.80 -19.17 -9.17
C20 4S2 F . -11.80 -19.60 -5.43
C21 4S2 F . -11.42 -18.54 -4.41
C22 4S2 F . -10.76 -18.56 -5.77
S23 4S2 F . -14.55 -24.81 -10.20
C24 4S2 F . -16.09 -25.37 -10.97
C25 4S2 F . -17.24 -24.68 -10.41
N26 4S2 F . -16.92 -23.71 -9.46
C27 4S2 F . -16.29 -26.32 -11.99
C28 4S2 F . -17.59 -26.65 -12.46
C29 4S2 F . -18.74 -26.04 -11.92
C30 4S2 F . -18.55 -25.04 -10.91
C01 4S2 G . -5.33 15.52 -4.66
N02 4S2 G . -5.17 14.31 -5.41
C03 4S2 G . -4.03 13.67 -5.47
N04 4S2 G . -2.92 14.18 -4.78
C05 4S2 G . -2.95 15.34 -3.99
C06 4S2 G . -4.26 16.07 -3.92
N07 4S2 G . -6.62 16.04 -4.71
N08 4S2 G . -3.86 12.51 -6.21
O09 4S2 G . -1.91 15.72 -3.40
C10 4S2 G . -4.41 17.31 -3.07
C11 4S2 G . -7.75 15.87 -5.61
C12 4S2 G . -8.27 14.43 -5.71
C13 4S2 G . -9.77 14.56 -6.13
C14 4S2 G . -10.19 16.05 -5.91
C15 4S2 G . -8.99 16.63 -5.13
O16 4S2 G . -7.54 13.77 -6.74
O17 4S2 G . -10.14 13.94 -7.41
C18 4S2 G . -11.54 16.29 -5.13
O19 4S2 G . -12.32 17.43 -5.56
C20 4S2 G . -2.62 11.80 -6.54
C21 4S2 G . -2.26 11.36 -7.95
C22 4S2 G . -2.75 10.35 -6.93
S23 4S2 G . -3.28 17.81 -1.76
C24 4S2 G . -4.41 19.07 -1.29
C25 4S2 G . -5.55 19.05 -2.17
N26 4S2 G . -5.53 18.07 -3.15
C27 4S2 G . -4.34 19.95 -0.20
C28 4S2 G . -5.40 20.87 0.04
C29 4S2 G . -6.53 20.88 -0.82
C30 4S2 G . -6.61 19.98 -1.92
C01 4S2 H . 10.62 -2.32 -13.42
N02 4S2 H . 10.44 -1.27 -12.47
C03 4S2 H . 9.27 -0.72 -12.29
N04 4S2 H . 8.16 -1.19 -13.03
C05 4S2 H . 8.22 -2.20 -13.96
C06 4S2 H . 9.56 -2.81 -14.19
N07 4S2 H . 11.91 -2.77 -13.57
N08 4S2 H . 9.09 0.33 -11.41
O09 4S2 H . 7.25 -2.56 -14.58
C10 4S2 H . 9.77 -3.93 -15.22
C11 4S2 H . 13.17 -2.28 -13.07
C12 4S2 H . 13.14 -2.37 -11.53
C13 4S2 H . 14.21 -3.37 -11.01
C14 4S2 H . 15.12 -3.51 -12.27
C15 4S2 H . 14.33 -3.17 -13.54
O16 4S2 H . 13.13 -1.09 -10.88
O17 4S2 H . 14.86 -2.97 -9.74
C18 4S2 H . 16.00 -4.76 -12.39
O19 4S2 H . 16.33 -4.92 -13.78
C20 4S2 H . 7.96 1.28 -11.25
C21 4S2 H . 8.25 2.72 -10.90
C22 4S2 H . 7.56 1.84 -9.88
S23 4S2 H . 8.42 -4.86 -15.96
C24 4S2 H . 9.62 -6.03 -16.56
C25 4S2 H . 10.95 -5.57 -16.27
N26 4S2 H . 11.04 -4.40 -15.49
C27 4S2 H . 9.44 -7.22 -17.29
C28 4S2 H . 10.56 -7.98 -17.79
C29 4S2 H . 11.88 -7.52 -17.56
C30 4S2 H . 12.06 -6.33 -16.78
#